data_1YBE
#
_entry.id   1YBE
#
_cell.length_a   179.768
_cell.length_b   69.428
_cell.length_c   87.990
_cell.angle_alpha   90.00
_cell.angle_beta   90.00
_cell.angle_gamma   90.00
#
_symmetry.space_group_name_H-M   'P 21 21 2'
#
loop_
_entity.id
_entity.type
_entity.pdbx_description
1 polymer 'Nicotinate phosphoribosyltransferase'
2 water water
#
_entity_poly.entity_id   1
_entity_poly.type   'polypeptide(L)'
_entity_poly.pdbx_seq_one_letter_code
;MSLGNASMTKTDIATRVHNHTWKLDPIVRSLIDTDFYKLLMLQMIWKLYPEVDATFSLINRTKTVRLAEEIDEMELREQL
DHARTLRLSKKENIWLAGNTFYGRSQIFEPEFLSWLSSYQLPEYELFKRDGQYELNFHGRWMDTTLWEIPALSIINELRS
RSAMRSLGYFTLDVLYARAKAKMWEKVERLRELPGLRISDFGTRRRHSFLWQRWCVEALKEGIGPAFTGTSNVLLAMDSD
LEAVGTNAHELPMVVAALAQTNEELAAAPYQVLKDWNRLYGGNLLIVLPDAFGTAAFLRNAPEWVADWTGFRPDSAPPIE
GGEKIIEWWRKMGRDPRTKMLIFSDGLDVDAIVDTYRHFEGRVRMSFGWGTNLTNDFAGCAPKTIASLKPISIVCKVSDA
NGRPAVKLSDNPQKATGDPAEVERYLKFFGEEDHKEQKVLVEGHHHHHH
;
_entity_poly.pdbx_strand_id   A,B
#
# COMPACT_ATOMS: atom_id res chain seq x y z
N MET A 8 23.37 -6.04 7.70
CA MET A 8 22.09 -5.99 6.93
C MET A 8 21.76 -7.35 6.31
N THR A 9 21.93 -7.45 4.99
CA THR A 9 21.62 -8.69 4.28
C THR A 9 22.59 -9.82 4.63
N LYS A 10 23.82 -9.47 4.97
CA LYS A 10 24.82 -10.48 5.32
C LYS A 10 24.40 -11.21 6.59
N THR A 11 23.61 -10.56 7.42
CA THR A 11 23.14 -11.15 8.66
C THR A 11 22.03 -12.17 8.41
N ASP A 12 21.16 -11.89 7.43
CA ASP A 12 20.05 -12.79 7.10
C ASP A 12 20.51 -14.11 6.54
N ILE A 13 21.40 -14.04 5.54
CA ILE A 13 21.93 -15.23 4.90
C ILE A 13 22.40 -16.19 5.99
N ALA A 14 23.16 -15.66 6.94
CA ALA A 14 23.67 -16.46 8.05
C ALA A 14 22.52 -17.00 8.88
N THR A 15 21.59 -16.13 9.26
CA THR A 15 20.45 -16.52 10.08
C THR A 15 19.48 -17.50 9.39
N ARG A 16 19.87 -17.99 8.21
CA ARG A 16 19.05 -18.95 7.46
C ARG A 16 19.81 -20.24 7.18
N TRP A 22 13.76 -24.42 12.40
CA TRP A 22 13.78 -23.54 11.23
C TRP A 22 12.71 -23.94 10.23
N LYS A 23 12.24 -22.96 9.45
CA LYS A 23 11.20 -23.19 8.46
C LYS A 23 11.68 -22.96 7.03
N LEU A 24 10.73 -22.90 6.10
CA LEU A 24 11.04 -22.68 4.70
C LEU A 24 11.35 -21.19 4.50
N ASP A 25 12.35 -20.90 3.67
CA ASP A 25 12.75 -19.54 3.38
C ASP A 25 12.42 -19.31 1.90
N PRO A 26 11.15 -18.96 1.61
CA PRO A 26 10.60 -18.70 0.28
C PRO A 26 11.28 -17.61 -0.55
N ILE A 27 11.75 -17.99 -1.73
CA ILE A 27 12.41 -17.06 -2.64
C ILE A 27 11.45 -16.06 -3.27
N VAL A 28 10.27 -16.52 -3.68
CA VAL A 28 9.30 -15.62 -4.30
C VAL A 28 8.28 -15.11 -3.30
N ARG A 29 8.44 -13.82 -2.98
CA ARG A 29 7.60 -13.11 -2.03
C ARG A 29 6.13 -13.09 -2.42
N SER A 30 5.83 -12.50 -3.57
CA SER A 30 4.45 -12.42 -4.02
C SER A 30 4.30 -12.64 -5.51
N LEU A 31 3.05 -12.67 -5.93
CA LEU A 31 2.71 -12.87 -7.33
C LEU A 31 3.17 -11.71 -8.22
N ILE A 32 3.42 -10.55 -7.62
CA ILE A 32 3.89 -9.42 -8.42
C ILE A 32 5.39 -9.20 -8.24
N ASP A 33 6.08 -10.21 -7.72
CA ASP A 33 7.54 -10.14 -7.60
C ASP A 33 8.01 -10.64 -8.95
N THR A 34 7.77 -9.82 -9.97
CA THR A 34 8.13 -10.16 -11.33
C THR A 34 8.35 -8.87 -12.10
N ASP A 35 8.64 -8.98 -13.40
CA ASP A 35 8.85 -7.80 -14.23
C ASP A 35 7.53 -7.26 -14.75
N PHE A 36 7.46 -5.93 -14.82
CA PHE A 36 6.25 -5.25 -15.27
C PHE A 36 5.77 -5.65 -16.66
N TYR A 37 6.70 -5.92 -17.58
CA TYR A 37 6.33 -6.26 -18.93
C TYR A 37 5.48 -7.52 -18.96
N LYS A 38 5.72 -8.41 -18.01
CA LYS A 38 4.96 -9.64 -17.91
C LYS A 38 3.48 -9.39 -17.59
N LEU A 39 3.19 -8.33 -16.85
CA LEU A 39 1.80 -8.02 -16.50
C LEU A 39 1.05 -7.40 -17.68
N LEU A 40 1.72 -6.55 -18.44
CA LEU A 40 1.09 -5.91 -19.60
C LEU A 40 0.82 -6.97 -20.66
N MET A 41 1.78 -7.88 -20.86
CA MET A 41 1.62 -8.92 -21.85
C MET A 41 0.51 -9.88 -21.44
N LEU A 42 0.46 -10.21 -20.16
CA LEU A 42 -0.54 -11.11 -19.64
C LEU A 42 -1.94 -10.56 -19.90
N GLN A 43 -2.13 -9.26 -19.66
CA GLN A 43 -3.44 -8.69 -19.90
C GLN A 43 -3.76 -8.71 -21.41
N MET A 44 -2.74 -8.50 -22.25
CA MET A 44 -3.00 -8.52 -23.69
C MET A 44 -3.37 -9.94 -24.14
N ILE A 45 -2.69 -10.93 -23.57
CA ILE A 45 -2.94 -12.33 -23.90
C ILE A 45 -4.33 -12.76 -23.41
N TRP A 46 -4.65 -12.36 -22.18
CA TRP A 46 -5.93 -12.64 -21.56
C TRP A 46 -7.06 -12.06 -22.42
N LYS A 47 -6.81 -10.88 -22.97
CA LYS A 47 -7.81 -10.21 -23.78
C LYS A 47 -7.91 -10.63 -25.24
N LEU A 48 -6.77 -10.80 -25.90
CA LEU A 48 -6.76 -11.14 -27.31
C LEU A 48 -6.44 -12.57 -27.71
N TYR A 49 -5.80 -13.34 -26.83
CA TYR A 49 -5.42 -14.72 -27.17
C TYR A 49 -5.69 -15.70 -26.03
N PRO A 50 -6.87 -15.61 -25.38
CA PRO A 50 -7.18 -16.53 -24.28
C PRO A 50 -7.24 -18.01 -24.62
N GLU A 51 -7.33 -18.35 -25.90
CA GLU A 51 -7.44 -19.75 -26.30
C GLU A 51 -6.12 -20.39 -26.70
N VAL A 52 -5.10 -19.56 -26.87
CA VAL A 52 -3.79 -20.05 -27.27
C VAL A 52 -3.03 -20.80 -26.16
N ASP A 53 -2.32 -21.86 -26.56
CA ASP A 53 -1.50 -22.64 -25.63
C ASP A 53 -0.06 -22.29 -25.91
N ALA A 54 0.76 -22.25 -24.86
CA ALA A 54 2.17 -21.95 -25.04
C ALA A 54 2.97 -22.62 -23.94
N THR A 55 4.04 -23.31 -24.37
CA THR A 55 4.94 -23.99 -23.44
C THR A 55 6.14 -23.10 -23.14
N PHE A 56 6.61 -23.14 -21.90
CA PHE A 56 7.79 -22.38 -21.52
C PHE A 56 8.76 -23.41 -21.00
N SER A 57 10.01 -23.33 -21.44
CA SER A 57 11.01 -24.31 -21.03
C SER A 57 12.27 -23.67 -20.52
N LEU A 58 12.74 -24.19 -19.40
CA LEU A 58 13.97 -23.71 -18.79
C LEU A 58 15.14 -24.32 -19.54
N ILE A 59 16.11 -23.50 -19.89
CA ILE A 59 17.27 -23.98 -20.61
C ILE A 59 18.56 -23.39 -20.06
N ASN A 60 19.49 -24.28 -19.69
CA ASN A 60 20.80 -23.87 -19.18
C ASN A 60 21.74 -23.93 -20.39
N ARG A 61 22.02 -22.78 -20.98
CA ARG A 61 22.89 -22.73 -22.13
C ARG A 61 24.34 -23.08 -21.77
N THR A 62 24.68 -22.97 -20.49
CA THR A 62 26.02 -23.29 -20.04
C THR A 62 26.11 -24.77 -19.72
N LYS A 63 26.05 -25.61 -20.75
CA LYS A 63 26.13 -27.05 -20.58
C LYS A 63 27.32 -27.41 -19.70
N THR A 64 28.41 -26.66 -19.86
CA THR A 64 29.59 -26.91 -19.05
C THR A 64 29.21 -26.76 -17.58
N VAL A 65 29.56 -27.75 -16.78
CA VAL A 65 29.26 -27.73 -15.35
C VAL A 65 27.74 -27.84 -15.13
N ARG A 66 27.33 -29.00 -14.63
CA ARG A 66 25.93 -29.32 -14.35
C ARG A 66 25.22 -28.26 -13.53
N LEU A 67 23.97 -28.55 -13.19
CA LEU A 67 23.14 -27.65 -12.41
C LEU A 67 22.35 -28.50 -11.42
N ALA A 68 22.04 -29.73 -11.85
CA ALA A 68 21.33 -30.67 -11.02
C ALA A 68 22.32 -31.18 -9.97
N GLU A 69 23.47 -30.52 -9.91
CA GLU A 69 24.54 -30.86 -8.98
C GLU A 69 24.82 -29.69 -8.04
N GLU A 70 24.09 -28.59 -8.21
CA GLU A 70 24.25 -27.40 -7.39
C GLU A 70 22.94 -27.06 -6.69
N ILE A 71 21.86 -27.69 -7.13
CA ILE A 71 20.55 -27.43 -6.56
C ILE A 71 19.84 -28.74 -6.24
N ASP A 72 19.54 -28.95 -4.96
CA ASP A 72 18.86 -30.18 -4.57
C ASP A 72 17.50 -30.20 -5.26
N GLU A 73 17.15 -31.32 -5.87
CA GLU A 73 15.88 -31.41 -6.56
C GLU A 73 14.70 -31.09 -5.65
N MET A 74 14.69 -31.63 -4.44
CA MET A 74 13.58 -31.37 -3.54
C MET A 74 13.48 -29.92 -3.06
N GLU A 75 14.61 -29.23 -2.94
CA GLU A 75 14.59 -27.83 -2.52
C GLU A 75 13.89 -27.06 -3.62
N LEU A 76 14.12 -27.49 -4.86
CA LEU A 76 13.53 -26.89 -6.05
C LEU A 76 12.03 -27.06 -6.04
N ARG A 77 11.57 -28.28 -5.74
CA ARG A 77 10.14 -28.57 -5.67
C ARG A 77 9.49 -27.70 -4.62
N GLU A 78 10.21 -27.53 -3.50
CA GLU A 78 9.72 -26.74 -2.38
C GLU A 78 9.45 -25.30 -2.77
N GLN A 79 10.45 -24.66 -3.39
CA GLN A 79 10.29 -23.27 -3.80
C GLN A 79 9.21 -23.13 -4.86
N LEU A 80 9.28 -23.94 -5.92
CA LEU A 80 8.30 -23.92 -7.00
C LEU A 80 6.89 -24.16 -6.46
N ASP A 81 6.77 -25.15 -5.58
CA ASP A 81 5.47 -25.47 -5.01
C ASP A 81 4.97 -24.32 -4.14
N HIS A 82 5.88 -23.63 -3.47
CA HIS A 82 5.44 -22.50 -2.66
C HIS A 82 4.89 -21.40 -3.58
N ALA A 83 5.62 -21.09 -4.64
CA ALA A 83 5.18 -20.08 -5.61
C ALA A 83 3.76 -20.37 -6.11
N ARG A 84 3.41 -21.65 -6.16
CA ARG A 84 2.07 -22.00 -6.63
C ARG A 84 0.99 -21.70 -5.59
N THR A 85 1.39 -21.38 -4.35
CA THR A 85 0.39 -21.07 -3.33
C THR A 85 0.06 -19.57 -3.27
N LEU A 86 0.87 -18.76 -3.95
CA LEU A 86 0.70 -17.30 -3.98
C LEU A 86 -0.60 -16.78 -4.61
N ARG A 87 -1.08 -15.66 -4.07
CA ARG A 87 -2.29 -14.99 -4.54
C ARG A 87 -2.10 -13.47 -4.45
N LEU A 88 -2.72 -12.75 -5.37
CA LEU A 88 -2.66 -11.29 -5.37
C LEU A 88 -3.17 -10.85 -3.99
N SER A 89 -2.40 -10.09 -3.24
CA SER A 89 -2.87 -9.64 -1.93
C SER A 89 -3.96 -8.60 -2.13
N LYS A 90 -4.64 -8.23 -1.06
CA LYS A 90 -5.70 -7.22 -1.17
C LYS A 90 -5.06 -5.89 -1.59
N LYS A 91 -3.96 -5.54 -0.94
CA LYS A 91 -3.27 -4.29 -1.23
C LYS A 91 -2.65 -4.24 -2.63
N GLU A 92 -2.15 -5.36 -3.11
CA GLU A 92 -1.56 -5.39 -4.44
C GLU A 92 -2.67 -5.15 -5.48
N ASN A 93 -3.82 -5.78 -5.26
CA ASN A 93 -4.94 -5.64 -6.15
C ASN A 93 -5.36 -4.17 -6.24
N ILE A 94 -5.51 -3.52 -5.10
CA ILE A 94 -5.90 -2.12 -5.03
C ILE A 94 -4.86 -1.20 -5.67
N TRP A 95 -3.59 -1.53 -5.46
CA TRP A 95 -2.50 -0.74 -6.02
C TRP A 95 -2.45 -0.81 -7.57
N LEU A 96 -2.62 -2.00 -8.13
CA LEU A 96 -2.59 -2.12 -9.58
C LEU A 96 -3.74 -1.32 -10.23
N ALA A 97 -4.93 -1.37 -9.62
CA ALA A 97 -6.07 -0.65 -10.16
C ALA A 97 -6.01 0.87 -10.03
N GLY A 98 -5.45 1.36 -8.93
CA GLY A 98 -5.40 2.80 -8.71
C GLY A 98 -4.11 3.54 -8.98
N ASN A 99 -3.01 2.84 -9.18
CA ASN A 99 -1.76 3.53 -9.45
C ASN A 99 -1.67 3.97 -10.91
N THR A 100 -0.78 4.92 -11.18
CA THR A 100 -0.57 5.42 -12.53
C THR A 100 0.68 4.71 -13.07
N PHE A 101 0.62 4.16 -14.28
CA PHE A 101 1.79 3.46 -14.78
C PHE A 101 2.72 4.11 -15.80
N TYR A 102 2.29 4.36 -17.02
CA TYR A 102 3.23 5.07 -17.88
C TYR A 102 2.55 6.41 -18.07
N GLY A 103 2.26 7.06 -16.93
CA GLY A 103 1.59 8.34 -16.93
C GLY A 103 0.09 8.17 -17.19
N ARG A 104 -0.37 6.93 -17.29
CA ARG A 104 -1.79 6.67 -17.55
C ARG A 104 -2.48 5.90 -16.43
N SER A 105 -3.79 6.07 -16.33
CA SER A 105 -4.61 5.41 -15.33
C SER A 105 -5.41 4.27 -15.93
N GLN A 106 -5.80 3.34 -15.09
CA GLN A 106 -6.60 2.18 -15.49
C GLN A 106 -6.02 1.34 -16.63
N ILE A 107 -4.70 1.21 -16.71
CA ILE A 107 -4.17 0.38 -17.79
C ILE A 107 -4.62 -1.06 -17.54
N PHE A 108 -4.97 -1.36 -16.29
CA PHE A 108 -5.43 -2.70 -15.95
C PHE A 108 -6.94 -2.71 -15.75
N GLU A 109 -7.65 -3.40 -16.64
CA GLU A 109 -9.11 -3.51 -16.57
C GLU A 109 -9.59 -4.19 -15.29
N PRO A 110 -10.66 -3.66 -14.68
CA PRO A 110 -11.15 -4.29 -13.46
C PRO A 110 -11.47 -5.76 -13.69
N GLU A 111 -11.96 -6.08 -14.88
CA GLU A 111 -12.30 -7.46 -15.20
C GLU A 111 -11.06 -8.34 -15.17
N PHE A 112 -9.98 -7.83 -15.75
CA PHE A 112 -8.70 -8.54 -15.80
C PHE A 112 -8.11 -8.71 -14.40
N LEU A 113 -8.25 -7.68 -13.58
CA LEU A 113 -7.74 -7.72 -12.22
C LEU A 113 -8.53 -8.74 -11.40
N SER A 114 -9.80 -8.89 -11.74
CA SER A 114 -10.68 -9.83 -11.08
C SER A 114 -10.20 -11.25 -11.38
N TRP A 115 -9.87 -11.48 -12.65
CA TRP A 115 -9.37 -12.77 -13.09
C TRP A 115 -8.04 -13.03 -12.37
N LEU A 116 -7.20 -12.00 -12.29
CA LEU A 116 -5.89 -12.10 -11.64
C LEU A 116 -6.00 -12.32 -10.14
N SER A 117 -7.08 -11.82 -9.55
CA SER A 117 -7.29 -11.97 -8.11
C SER A 117 -7.43 -13.44 -7.74
N SER A 118 -7.84 -14.27 -8.68
CA SER A 118 -8.02 -15.68 -8.36
C SER A 118 -7.00 -16.59 -9.04
N TYR A 119 -6.10 -16.00 -9.82
CA TYR A 119 -5.07 -16.77 -10.52
C TYR A 119 -4.00 -17.38 -9.59
N GLN A 120 -3.42 -18.50 -10.02
CA GLN A 120 -2.35 -19.16 -9.28
C GLN A 120 -1.48 -19.91 -10.28
N LEU A 121 -0.16 -19.84 -10.10
CA LEU A 121 0.78 -20.52 -10.97
C LEU A 121 0.36 -21.99 -11.08
N PRO A 122 0.25 -22.51 -12.32
CA PRO A 122 -0.13 -23.89 -12.62
C PRO A 122 0.95 -24.95 -12.46
N GLU A 123 0.54 -26.21 -12.62
CA GLU A 123 1.44 -27.35 -12.53
C GLU A 123 2.63 -27.18 -13.46
N TYR A 124 3.72 -27.87 -13.15
CA TYR A 124 4.94 -27.80 -13.94
C TYR A 124 5.51 -29.19 -14.11
N GLU A 125 6.42 -29.34 -15.06
CA GLU A 125 7.06 -30.61 -15.34
C GLU A 125 8.52 -30.46 -14.99
N LEU A 126 9.01 -31.28 -14.05
CA LEU A 126 10.42 -31.23 -13.66
C LEU A 126 11.08 -32.61 -13.63
N PHE A 127 12.29 -32.69 -14.17
CA PHE A 127 13.00 -33.97 -14.19
C PHE A 127 14.50 -33.72 -14.35
N LYS A 128 15.32 -34.60 -13.77
CA LYS A 128 16.77 -34.46 -13.88
C LYS A 128 17.22 -35.16 -15.15
N ARG A 129 18.28 -34.64 -15.77
CA ARG A 129 18.80 -35.23 -16.99
C ARG A 129 20.19 -34.72 -17.32
N ASP A 130 21.20 -35.51 -16.96
CA ASP A 130 22.59 -35.18 -17.21
C ASP A 130 23.04 -34.00 -16.37
N GLY A 131 22.77 -34.05 -15.08
CA GLY A 131 23.18 -32.96 -14.20
C GLY A 131 22.54 -31.64 -14.60
N GLN A 132 21.39 -31.74 -15.27
CA GLN A 132 20.65 -30.56 -15.70
C GLN A 132 19.19 -30.77 -15.36
N TYR A 133 18.44 -29.69 -15.25
CA TYR A 133 17.02 -29.78 -14.95
C TYR A 133 16.15 -29.44 -16.14
N GLU A 134 15.12 -30.25 -16.35
CA GLU A 134 14.18 -30.00 -17.43
C GLU A 134 12.93 -29.50 -16.74
N LEU A 135 12.68 -28.22 -16.87
CA LEU A 135 11.54 -27.59 -16.24
C LEU A 135 10.65 -26.99 -17.32
N ASN A 136 9.44 -27.51 -17.44
CA ASN A 136 8.51 -27.02 -18.47
C ASN A 136 7.17 -26.66 -17.88
N PHE A 137 6.53 -25.66 -18.48
CA PHE A 137 5.21 -25.22 -18.04
C PHE A 137 4.26 -25.24 -19.24
N HIS A 138 3.31 -26.17 -19.20
CA HIS A 138 2.35 -26.35 -20.29
C HIS A 138 1.01 -25.78 -19.92
N GLY A 139 0.23 -25.46 -20.95
CA GLY A 139 -1.12 -24.93 -20.75
C GLY A 139 -1.39 -23.66 -21.54
N ARG A 140 -2.52 -23.04 -21.27
CA ARG A 140 -2.89 -21.79 -21.93
C ARG A 140 -1.78 -20.76 -21.72
N TRP A 141 -1.47 -20.04 -22.79
CA TRP A 141 -0.46 -19.00 -22.79
C TRP A 141 -0.70 -18.04 -21.61
N MET A 142 -1.96 -17.73 -21.34
CA MET A 142 -2.23 -16.81 -20.24
C MET A 142 -1.95 -17.45 -18.87
N ASP A 143 -1.85 -18.77 -18.80
CA ASP A 143 -1.57 -19.41 -17.51
C ASP A 143 -0.10 -19.77 -17.32
N THR A 144 0.68 -19.74 -18.38
CA THR A 144 2.09 -20.12 -18.26
C THR A 144 3.09 -18.98 -18.33
N THR A 145 2.72 -17.88 -18.98
CA THR A 145 3.65 -16.78 -19.13
C THR A 145 4.25 -16.23 -17.82
N LEU A 146 3.47 -16.13 -16.76
CA LEU A 146 3.99 -15.62 -15.49
C LEU A 146 4.98 -16.56 -14.80
N TRP A 147 5.08 -17.80 -15.27
CA TRP A 147 6.01 -18.75 -14.67
C TRP A 147 7.48 -18.43 -14.96
N GLU A 148 7.74 -17.80 -16.10
CA GLU A 148 9.11 -17.48 -16.52
C GLU A 148 10.03 -16.82 -15.50
N ILE A 149 9.67 -15.63 -15.02
CA ILE A 149 10.52 -14.91 -14.10
C ILE A 149 10.70 -15.63 -12.77
N PRO A 150 9.60 -15.99 -12.09
CA PRO A 150 9.65 -16.69 -10.81
C PRO A 150 10.57 -17.90 -10.87
N ALA A 151 10.46 -18.67 -11.94
CA ALA A 151 11.27 -19.87 -12.11
C ALA A 151 12.77 -19.55 -12.19
N LEU A 152 13.13 -18.52 -12.93
CA LEU A 152 14.54 -18.14 -13.05
C LEU A 152 15.02 -17.57 -11.71
N SER A 153 14.13 -16.93 -10.98
CA SER A 153 14.48 -16.36 -9.69
C SER A 153 14.83 -17.45 -8.70
N ILE A 154 13.92 -18.42 -8.60
CA ILE A 154 14.09 -19.54 -7.70
C ILE A 154 15.40 -20.28 -7.97
N ILE A 155 15.72 -20.45 -9.25
CA ILE A 155 16.94 -21.14 -9.60
C ILE A 155 18.18 -20.30 -9.27
N ASN A 156 18.11 -19.02 -9.57
CA ASN A 156 19.24 -18.15 -9.28
C ASN A 156 19.54 -18.02 -7.80
N GLU A 157 18.53 -17.70 -7.00
CA GLU A 157 18.78 -17.53 -5.58
C GLU A 157 19.15 -18.86 -4.91
N LEU A 158 18.76 -19.98 -5.51
CA LEU A 158 19.10 -21.27 -4.94
C LEU A 158 20.57 -21.59 -5.19
N ARG A 159 21.10 -21.15 -6.33
CA ARG A 159 22.49 -21.38 -6.64
C ARG A 159 23.32 -20.51 -5.69
N SER A 160 22.94 -19.24 -5.57
CA SER A 160 23.66 -18.33 -4.69
C SER A 160 23.60 -18.82 -3.24
N ARG A 161 22.40 -19.14 -2.76
CA ARG A 161 22.23 -19.64 -1.39
C ARG A 161 23.12 -20.84 -1.15
N SER A 162 22.91 -21.88 -1.96
CA SER A 162 23.65 -23.11 -1.87
C SER A 162 25.15 -22.82 -1.84
N ALA A 163 25.60 -21.89 -2.67
CA ALA A 163 27.02 -21.55 -2.69
C ALA A 163 27.47 -21.05 -1.33
N MET A 164 26.86 -19.95 -0.87
CA MET A 164 27.22 -19.34 0.41
C MET A 164 26.91 -20.20 1.64
N ARG A 165 26.31 -21.37 1.43
CA ARG A 165 25.95 -22.28 2.53
C ARG A 165 27.07 -22.49 3.55
N SER A 166 28.25 -22.85 3.06
CA SER A 166 29.39 -23.08 3.94
C SER A 166 29.81 -21.79 4.64
N LEU A 167 29.96 -20.71 3.85
CA LEU A 167 30.38 -19.40 4.34
C LEU A 167 29.89 -19.03 5.75
N GLY A 168 30.77 -18.41 6.54
CA GLY A 168 30.44 -18.01 7.89
C GLY A 168 30.11 -16.53 7.97
N TYR A 169 29.32 -16.14 8.96
CA TYR A 169 28.92 -14.76 9.14
C TYR A 169 29.96 -13.73 8.70
N PHE A 170 31.21 -13.90 9.12
CA PHE A 170 32.26 -12.95 8.76
C PHE A 170 32.49 -12.89 7.25
N THR A 171 32.66 -14.06 6.65
CA THR A 171 32.89 -14.14 5.22
C THR A 171 31.76 -13.40 4.47
N LEU A 172 30.51 -13.63 4.88
CA LEU A 172 29.37 -12.97 4.23
C LEU A 172 29.48 -11.45 4.30
N ASP A 173 29.90 -10.93 5.46
CA ASP A 173 30.02 -9.49 5.63
C ASP A 173 31.01 -8.88 4.64
N VAL A 174 32.13 -9.56 4.41
CA VAL A 174 33.15 -9.08 3.48
C VAL A 174 32.62 -9.20 2.05
N LEU A 175 31.95 -10.32 1.79
CA LEU A 175 31.38 -10.61 0.48
C LEU A 175 30.36 -9.54 0.06
N TYR A 176 29.40 -9.24 0.93
CA TYR A 176 28.41 -8.24 0.59
C TYR A 176 28.97 -6.82 0.61
N ALA A 177 29.92 -6.56 1.50
CA ALA A 177 30.54 -5.25 1.58
C ALA A 177 31.29 -4.92 0.28
N ARG A 178 32.04 -5.88 -0.22
CA ARG A 178 32.78 -5.68 -1.46
C ARG A 178 31.84 -5.55 -2.67
N ALA A 179 30.72 -6.25 -2.64
CA ALA A 179 29.74 -6.16 -3.72
C ALA A 179 29.04 -4.79 -3.68
N LYS A 180 28.79 -4.27 -2.49
CA LYS A 180 28.17 -2.95 -2.40
C LYS A 180 29.16 -1.94 -2.91
N ALA A 181 30.44 -2.15 -2.58
CA ALA A 181 31.47 -1.23 -3.03
C ALA A 181 31.63 -1.30 -4.54
N LYS A 182 31.57 -2.50 -5.10
CA LYS A 182 31.70 -2.69 -6.54
C LYS A 182 30.52 -2.01 -7.20
N MET A 183 29.34 -2.14 -6.59
CA MET A 183 28.13 -1.53 -7.13
C MET A 183 28.23 -0.01 -7.08
N TRP A 184 28.58 0.52 -5.91
CA TRP A 184 28.67 1.96 -5.76
C TRP A 184 29.69 2.67 -6.65
N GLU A 185 30.75 1.97 -7.06
CA GLU A 185 31.74 2.59 -7.93
C GLU A 185 31.09 2.90 -9.27
N LYS A 186 30.29 1.95 -9.76
CA LYS A 186 29.58 2.12 -11.01
C LYS A 186 28.67 3.34 -10.94
N VAL A 187 28.14 3.60 -9.75
CA VAL A 187 27.25 4.75 -9.56
C VAL A 187 28.01 6.06 -9.73
N GLU A 188 29.20 6.14 -9.15
CA GLU A 188 30.03 7.35 -9.24
C GLU A 188 30.37 7.67 -10.70
N ARG A 189 30.48 6.64 -11.54
CA ARG A 189 30.78 6.83 -12.95
C ARG A 189 29.56 7.38 -13.68
N LEU A 190 28.40 6.76 -13.45
CA LEU A 190 27.16 7.18 -14.09
C LEU A 190 26.75 8.57 -13.60
N ARG A 191 27.06 8.86 -12.34
CA ARG A 191 26.72 10.16 -11.75
C ARG A 191 27.29 11.31 -12.57
N GLU A 192 28.28 11.01 -13.41
CA GLU A 192 28.90 12.02 -14.25
C GLU A 192 28.12 12.38 -15.51
N LEU A 193 26.99 11.71 -15.73
CA LEU A 193 26.16 11.96 -16.91
C LEU A 193 24.74 12.31 -16.45
N PRO A 194 24.50 13.57 -16.07
CA PRO A 194 23.17 13.98 -15.61
C PRO A 194 22.00 13.63 -16.54
N GLY A 195 22.19 13.84 -17.84
CA GLY A 195 21.12 13.54 -18.80
C GLY A 195 20.78 12.07 -18.90
N LEU A 196 21.58 11.24 -18.24
CA LEU A 196 21.38 9.80 -18.24
C LEU A 196 20.05 9.39 -17.60
N ARG A 197 19.41 8.40 -18.20
CA ARG A 197 18.14 7.87 -17.70
C ARG A 197 18.34 6.36 -17.68
N ILE A 198 18.28 5.78 -16.49
CA ILE A 198 18.50 4.35 -16.37
C ILE A 198 17.51 3.74 -15.38
N SER A 199 17.16 2.48 -15.62
CA SER A 199 16.21 1.79 -14.77
C SER A 199 16.68 0.37 -14.49
N ASP A 200 16.11 -0.25 -13.48
CA ASP A 200 16.48 -1.61 -13.10
C ASP A 200 15.72 -2.71 -13.83
N PHE A 201 16.45 -3.67 -14.37
CA PHE A 201 15.85 -4.80 -15.08
C PHE A 201 16.48 -6.09 -14.62
N GLY A 202 16.94 -6.12 -13.38
CA GLY A 202 17.61 -7.32 -12.87
C GLY A 202 16.84 -8.35 -12.05
N THR A 203 15.53 -8.38 -12.16
CA THR A 203 14.76 -9.37 -11.41
C THR A 203 15.15 -10.79 -11.84
N ARG A 204 15.06 -11.02 -13.14
CA ARG A 204 15.34 -12.28 -13.78
C ARG A 204 16.62 -12.99 -13.37
N ARG A 205 17.70 -12.24 -13.20
CA ARG A 205 18.97 -12.86 -12.83
C ARG A 205 19.60 -12.34 -11.54
N ARG A 206 18.76 -11.74 -10.69
CA ARG A 206 19.25 -11.20 -9.43
C ARG A 206 19.96 -12.24 -8.58
N HIS A 207 20.92 -11.78 -7.79
CA HIS A 207 21.66 -12.64 -6.89
C HIS A 207 20.69 -13.06 -5.79
N SER A 208 19.66 -12.25 -5.58
CA SER A 208 18.62 -12.51 -4.60
C SER A 208 17.73 -11.29 -4.44
N PHE A 209 16.52 -11.52 -3.94
CA PHE A 209 15.56 -10.45 -3.73
C PHE A 209 16.11 -9.30 -2.89
N LEU A 210 16.57 -9.61 -1.67
CA LEU A 210 17.10 -8.58 -0.78
C LEU A 210 18.20 -7.76 -1.40
N TRP A 211 19.09 -8.42 -2.13
CA TRP A 211 20.20 -7.72 -2.76
C TRP A 211 19.70 -6.80 -3.88
N GLN A 212 18.69 -7.24 -4.62
CA GLN A 212 18.15 -6.41 -5.69
C GLN A 212 17.60 -5.16 -5.05
N ARG A 213 16.90 -5.34 -3.94
CA ARG A 213 16.29 -4.26 -3.20
C ARG A 213 17.36 -3.22 -2.80
N TRP A 214 18.48 -3.71 -2.26
CA TRP A 214 19.55 -2.81 -1.86
C TRP A 214 20.09 -2.06 -3.07
N CYS A 215 20.29 -2.77 -4.18
CA CYS A 215 20.80 -2.15 -5.40
C CYS A 215 19.87 -1.04 -5.89
N VAL A 216 18.57 -1.34 -5.93
CA VAL A 216 17.59 -0.36 -6.37
C VAL A 216 17.61 0.88 -5.47
N GLU A 217 17.71 0.67 -4.17
CA GLU A 217 17.75 1.78 -3.23
C GLU A 217 19.02 2.61 -3.46
N ALA A 218 20.13 1.93 -3.76
CA ALA A 218 21.39 2.62 -4.00
C ALA A 218 21.33 3.46 -5.26
N LEU A 219 20.58 3.01 -6.25
CA LEU A 219 20.45 3.76 -7.49
C LEU A 219 19.73 5.09 -7.31
N LYS A 220 18.51 5.04 -6.78
CA LYS A 220 17.74 6.26 -6.58
C LYS A 220 18.49 7.22 -5.67
N GLU A 221 19.13 6.67 -4.64
CA GLU A 221 19.88 7.46 -3.70
C GLU A 221 21.13 8.07 -4.34
N GLY A 222 21.76 7.34 -5.24
CA GLY A 222 22.97 7.83 -5.87
C GLY A 222 22.93 8.67 -7.14
N ILE A 223 21.87 8.58 -7.94
CA ILE A 223 21.82 9.38 -9.16
C ILE A 223 20.50 10.10 -9.32
N GLY A 224 19.67 10.04 -8.29
CA GLY A 224 18.39 10.69 -8.29
C GLY A 224 17.52 10.61 -9.53
N PRO A 225 17.11 11.76 -10.09
CA PRO A 225 16.25 11.85 -11.28
C PRO A 225 16.70 11.00 -12.47
N ALA A 226 17.99 10.71 -12.53
CA ALA A 226 18.55 9.92 -13.62
C ALA A 226 18.02 8.48 -13.57
N PHE A 227 17.55 8.08 -12.39
CA PHE A 227 17.02 6.74 -12.17
C PHE A 227 15.50 6.77 -12.35
N THR A 228 15.02 6.16 -13.43
CA THR A 228 13.59 6.20 -13.71
C THR A 228 12.75 5.08 -13.15
N GLY A 229 13.34 4.19 -12.37
CA GLY A 229 12.54 3.12 -11.81
C GLY A 229 13.06 1.71 -11.95
N THR A 230 12.20 0.75 -11.62
CA THR A 230 12.55 -0.65 -11.70
C THR A 230 11.44 -1.41 -12.41
N SER A 231 11.81 -2.47 -13.09
CA SER A 231 10.84 -3.30 -13.79
C SER A 231 10.17 -4.27 -12.81
N ASN A 232 10.75 -4.41 -11.61
CA ASN A 232 10.18 -5.27 -10.60
C ASN A 232 8.99 -4.57 -9.95
N VAL A 233 7.80 -5.06 -10.25
CA VAL A 233 6.56 -4.47 -9.76
C VAL A 233 6.44 -4.36 -8.23
N LEU A 234 6.81 -5.42 -7.52
CA LEU A 234 6.74 -5.39 -6.06
C LEU A 234 7.61 -4.26 -5.50
N LEU A 235 8.83 -4.14 -6.02
CA LEU A 235 9.73 -3.10 -5.56
C LEU A 235 9.23 -1.71 -5.91
N ALA A 236 8.58 -1.56 -7.06
CA ALA A 236 8.05 -0.26 -7.43
C ALA A 236 6.91 0.10 -6.45
N MET A 237 6.07 -0.87 -6.12
CA MET A 237 4.99 -0.61 -5.19
C MET A 237 5.55 -0.24 -3.81
N ASP A 238 6.45 -1.08 -3.30
CA ASP A 238 7.06 -0.87 -1.98
C ASP A 238 7.84 0.43 -1.79
N SER A 239 8.57 0.89 -2.81
CA SER A 239 9.33 2.12 -2.63
C SER A 239 8.90 3.31 -3.48
N ASP A 240 7.67 3.24 -4.00
CA ASP A 240 7.09 4.30 -4.82
C ASP A 240 7.93 4.76 -5.98
N LEU A 241 8.35 3.81 -6.81
CA LEU A 241 9.15 4.10 -7.98
C LEU A 241 8.25 3.72 -9.15
N GLU A 242 8.57 4.22 -10.34
CA GLU A 242 7.78 3.87 -11.52
C GLU A 242 8.09 2.44 -11.96
N ALA A 243 7.05 1.67 -12.23
CA ALA A 243 7.21 0.31 -12.72
C ALA A 243 7.62 0.51 -14.18
N VAL A 244 8.65 -0.20 -14.63
CA VAL A 244 9.16 -0.04 -16.00
C VAL A 244 9.12 -1.30 -16.84
N GLY A 245 8.91 -1.11 -18.14
CA GLY A 245 8.84 -2.23 -19.07
C GLY A 245 7.69 -2.15 -20.07
N THR A 246 7.85 -2.78 -21.22
CA THR A 246 6.78 -2.78 -22.22
C THR A 246 6.49 -4.22 -22.62
N ASN A 247 7.26 -4.75 -23.57
CA ASN A 247 7.05 -6.14 -23.97
C ASN A 247 8.33 -6.85 -24.36
N ALA A 248 8.23 -8.16 -24.53
CA ALA A 248 9.37 -9.00 -24.87
C ALA A 248 9.15 -9.76 -26.17
N HIS A 249 10.17 -10.52 -26.57
CA HIS A 249 10.11 -11.28 -27.80
C HIS A 249 9.05 -12.37 -27.79
N GLU A 250 8.58 -12.70 -26.59
CA GLU A 250 7.53 -13.67 -26.40
C GLU A 250 6.37 -13.35 -27.38
N LEU A 251 5.98 -12.08 -27.41
CA LEU A 251 4.89 -11.62 -28.28
C LEU A 251 5.07 -12.05 -29.74
N PRO A 252 6.12 -11.53 -30.42
CA PRO A 252 6.36 -11.87 -31.82
C PRO A 252 6.61 -13.35 -32.03
N MET A 253 7.33 -13.98 -31.09
CA MET A 253 7.64 -15.40 -31.19
C MET A 253 6.37 -16.24 -31.31
N VAL A 254 5.38 -15.95 -30.48
CA VAL A 254 4.13 -16.70 -30.51
C VAL A 254 3.22 -16.37 -31.69
N VAL A 255 2.95 -15.08 -31.90
CA VAL A 255 2.08 -14.69 -33.01
C VAL A 255 2.64 -15.18 -34.35
N ALA A 256 3.96 -15.26 -34.44
CA ALA A 256 4.59 -15.74 -35.65
C ALA A 256 4.33 -17.24 -35.77
N ALA A 257 4.42 -17.98 -34.66
CA ALA A 257 4.19 -19.42 -34.69
C ALA A 257 2.71 -19.73 -34.97
N LEU A 258 1.83 -18.76 -34.70
CA LEU A 258 0.40 -18.95 -34.96
C LEU A 258 0.12 -18.79 -36.45
N ALA A 259 1.02 -18.10 -37.16
CA ALA A 259 0.82 -17.87 -38.60
C ALA A 259 0.80 -19.17 -39.39
N GLN A 260 -0.16 -19.29 -40.30
CA GLN A 260 -0.32 -20.46 -41.15
C GLN A 260 0.18 -20.21 -42.56
N THR A 261 0.15 -18.96 -42.99
CA THR A 261 0.56 -18.61 -44.34
C THR A 261 1.66 -17.55 -44.42
N ASN A 262 2.26 -17.40 -45.59
CA ASN A 262 3.30 -16.39 -45.80
C ASN A 262 2.75 -15.00 -45.47
N GLU A 263 1.55 -14.71 -45.94
CA GLU A 263 0.93 -13.42 -45.68
C GLU A 263 0.86 -13.16 -44.17
N GLU A 264 0.53 -14.19 -43.39
CA GLU A 264 0.41 -14.05 -41.95
C GLU A 264 1.76 -13.96 -41.25
N LEU A 265 2.72 -14.73 -41.73
CA LEU A 265 4.03 -14.72 -41.12
C LEU A 265 4.71 -13.39 -41.36
N ALA A 266 4.54 -12.86 -42.56
CA ALA A 266 5.15 -11.59 -42.91
C ALA A 266 4.51 -10.48 -42.08
N ALA A 267 3.22 -10.61 -41.83
CA ALA A 267 2.47 -9.62 -41.07
C ALA A 267 2.67 -9.70 -39.55
N ALA A 268 2.99 -10.88 -39.03
CA ALA A 268 3.15 -11.07 -37.60
C ALA A 268 4.02 -10.05 -36.84
N PRO A 269 5.12 -9.58 -37.43
CA PRO A 269 5.88 -8.61 -36.62
C PRO A 269 5.10 -7.30 -36.40
N TYR A 270 4.22 -6.97 -37.35
CA TYR A 270 3.42 -5.74 -37.30
C TYR A 270 2.06 -5.99 -36.65
N GLN A 271 1.57 -7.21 -36.76
CA GLN A 271 0.30 -7.58 -36.15
C GLN A 271 0.43 -7.42 -34.62
N VAL A 272 1.59 -7.80 -34.06
CA VAL A 272 1.79 -7.68 -32.61
C VAL A 272 1.70 -6.24 -32.14
N LEU A 273 2.14 -5.30 -32.99
CA LEU A 273 2.07 -3.88 -32.67
C LEU A 273 0.60 -3.44 -32.63
N LYS A 274 -0.21 -3.94 -33.57
CA LYS A 274 -1.63 -3.60 -33.60
C LYS A 274 -2.32 -4.10 -32.34
N ASP A 275 -2.07 -5.35 -31.97
CA ASP A 275 -2.66 -5.93 -30.76
C ASP A 275 -2.22 -5.11 -29.55
N TRP A 276 -0.94 -4.78 -29.50
CA TRP A 276 -0.39 -4.03 -28.40
C TRP A 276 -1.02 -2.65 -28.30
N ASN A 277 -1.25 -2.01 -29.43
CA ASN A 277 -1.84 -0.68 -29.43
C ASN A 277 -3.35 -0.68 -29.08
N ARG A 278 -3.99 -1.84 -29.12
CA ARG A 278 -5.42 -1.92 -28.77
C ARG A 278 -5.63 -1.74 -27.25
N LEU A 279 -4.59 -2.03 -26.47
CA LEU A 279 -4.67 -1.90 -25.03
C LEU A 279 -3.85 -0.77 -24.46
N TYR A 280 -2.78 -0.40 -25.15
CA TYR A 280 -1.87 0.61 -24.64
C TYR A 280 -1.51 1.72 -25.62
N GLY A 281 -1.16 2.88 -25.07
CA GLY A 281 -0.78 4.02 -25.87
C GLY A 281 0.33 4.80 -25.18
N GLY A 282 0.52 6.04 -25.64
CA GLY A 282 1.54 6.89 -25.07
C GLY A 282 2.96 6.34 -25.10
N ASN A 283 3.64 6.46 -23.97
CA ASN A 283 5.00 6.01 -23.83
C ASN A 283 5.18 4.50 -23.84
N LEU A 284 4.07 3.76 -23.85
CA LEU A 284 4.15 2.31 -23.88
C LEU A 284 4.33 1.84 -25.33
N LEU A 285 4.26 2.78 -26.28
CA LEU A 285 4.42 2.43 -27.68
C LEU A 285 5.89 2.36 -28.08
N ILE A 286 6.54 1.29 -27.64
CA ILE A 286 7.93 1.06 -27.94
C ILE A 286 8.04 -0.20 -28.81
N VAL A 287 8.73 -0.09 -29.93
CA VAL A 287 8.92 -1.22 -30.83
C VAL A 287 10.15 -2.08 -30.47
N LEU A 288 9.95 -3.40 -30.43
CA LEU A 288 11.02 -4.39 -30.21
C LEU A 288 11.03 -5.09 -31.58
N PRO A 289 11.97 -4.72 -32.46
CA PRO A 289 11.99 -5.32 -33.80
C PRO A 289 12.97 -6.40 -34.24
N ASP A 290 13.90 -6.80 -33.39
CA ASP A 290 14.91 -7.75 -33.82
C ASP A 290 14.55 -9.23 -33.86
N ALA A 291 13.41 -9.63 -33.30
CA ALA A 291 13.02 -11.04 -33.29
C ALA A 291 13.39 -11.80 -34.56
N PHE A 292 12.99 -11.26 -35.70
CA PHE A 292 13.25 -11.89 -36.99
C PHE A 292 14.10 -10.98 -37.86
N GLY A 293 14.99 -10.23 -37.21
CA GLY A 293 15.87 -9.31 -37.92
C GLY A 293 15.31 -7.91 -38.11
N THR A 294 16.00 -6.94 -37.51
CA THR A 294 15.62 -5.54 -37.58
C THR A 294 15.62 -4.98 -39.01
N ALA A 295 16.59 -5.40 -39.82
CA ALA A 295 16.70 -4.94 -41.20
C ALA A 295 15.43 -5.35 -41.93
N ALA A 296 15.06 -6.61 -41.79
CA ALA A 296 13.87 -7.12 -42.44
C ALA A 296 12.66 -6.39 -41.87
N PHE A 297 12.71 -6.10 -40.58
CA PHE A 297 11.62 -5.41 -39.91
C PHE A 297 11.40 -4.01 -40.46
N LEU A 298 12.47 -3.22 -40.53
CA LEU A 298 12.34 -1.86 -41.01
C LEU A 298 11.97 -1.82 -42.49
N ARG A 299 12.57 -2.70 -43.29
CA ARG A 299 12.28 -2.72 -44.72
C ARG A 299 10.82 -2.97 -45.05
N ASN A 300 10.11 -3.73 -44.21
CA ASN A 300 8.71 -4.00 -44.51
C ASN A 300 7.74 -3.33 -43.55
N ALA A 301 8.25 -2.39 -42.77
CA ALA A 301 7.42 -1.69 -41.79
C ALA A 301 6.44 -0.69 -42.39
N PRO A 302 5.17 -0.74 -41.93
CA PRO A 302 4.15 0.19 -42.42
C PRO A 302 4.54 1.56 -41.89
N GLU A 303 4.28 2.59 -42.67
CA GLU A 303 4.66 3.95 -42.26
C GLU A 303 4.21 4.33 -40.86
N TRP A 304 3.02 3.90 -40.42
CA TRP A 304 2.55 4.28 -39.10
C TRP A 304 3.49 3.84 -37.97
N VAL A 305 4.39 2.91 -38.24
CA VAL A 305 5.31 2.48 -37.20
C VAL A 305 6.22 3.64 -36.81
N ALA A 306 6.46 4.54 -37.77
CA ALA A 306 7.30 5.72 -37.54
C ALA A 306 6.69 6.69 -36.51
N ASP A 307 5.39 6.55 -36.23
CA ASP A 307 4.75 7.41 -35.24
C ASP A 307 4.80 6.90 -33.81
N TRP A 308 5.30 5.68 -33.62
CA TRP A 308 5.41 5.13 -32.27
C TRP A 308 6.47 5.95 -31.54
N THR A 309 6.46 5.87 -30.22
CA THR A 309 7.35 6.67 -29.41
C THR A 309 8.82 6.32 -29.45
N GLY A 310 9.15 5.04 -29.62
CA GLY A 310 10.55 4.67 -29.65
C GLY A 310 10.81 3.24 -30.06
N PHE A 311 12.08 2.86 -30.04
CA PHE A 311 12.51 1.53 -30.43
C PHE A 311 13.42 0.93 -29.39
N ARG A 312 13.56 -0.39 -29.45
CA ARG A 312 14.39 -1.17 -28.55
C ARG A 312 15.37 -2.03 -29.35
N PRO A 313 16.53 -1.46 -29.73
CA PRO A 313 17.52 -2.25 -30.48
C PRO A 313 18.13 -3.19 -29.44
N ASP A 314 17.56 -4.39 -29.31
CA ASP A 314 17.97 -5.35 -28.30
C ASP A 314 19.11 -6.34 -28.54
N SER A 315 19.29 -6.80 -29.79
CA SER A 315 20.33 -7.78 -30.07
C SER A 315 21.54 -7.32 -30.86
N ALA A 316 21.51 -6.09 -31.35
CA ALA A 316 22.65 -5.60 -32.12
C ALA A 316 23.51 -4.71 -31.22
N PRO A 317 24.73 -4.39 -31.68
CA PRO A 317 25.62 -3.52 -30.89
C PRO A 317 24.87 -2.19 -30.72
N PRO A 318 24.87 -1.63 -29.51
CA PRO A 318 24.17 -0.36 -29.25
C PRO A 318 24.26 0.70 -30.32
N ILE A 319 25.48 1.13 -30.66
CA ILE A 319 25.66 2.18 -31.65
C ILE A 319 25.18 1.82 -33.04
N GLU A 320 25.57 0.64 -33.53
CA GLU A 320 25.15 0.22 -34.85
C GLU A 320 23.63 0.07 -34.91
N GLY A 321 23.06 -0.56 -33.88
CA GLY A 321 21.62 -0.74 -33.86
C GLY A 321 20.88 0.60 -33.80
N GLY A 322 21.30 1.46 -32.89
CA GLY A 322 20.66 2.76 -32.76
C GLY A 322 20.67 3.58 -34.03
N GLU A 323 21.83 3.62 -34.71
CA GLU A 323 21.97 4.38 -35.96
C GLU A 323 21.08 3.80 -37.06
N LYS A 324 20.86 2.51 -37.01
CA LYS A 324 20.01 1.89 -38.03
C LYS A 324 18.58 2.40 -37.85
N ILE A 325 18.13 2.50 -36.60
CA ILE A 325 16.78 3.00 -36.32
C ILE A 325 16.68 4.47 -36.72
N ILE A 326 17.69 5.25 -36.36
CA ILE A 326 17.69 6.67 -36.68
C ILE A 326 17.65 6.94 -38.19
N GLU A 327 18.41 6.16 -38.94
CA GLU A 327 18.43 6.34 -40.39
C GLU A 327 17.03 6.09 -40.91
N TRP A 328 16.36 5.09 -40.37
CA TRP A 328 15.02 4.80 -40.82
C TRP A 328 14.08 5.96 -40.48
N TRP A 329 14.22 6.52 -39.28
CA TRP A 329 13.37 7.63 -38.90
C TRP A 329 13.55 8.81 -39.86
N ARG A 330 14.78 9.04 -40.30
CA ARG A 330 15.05 10.13 -41.23
C ARG A 330 14.33 9.83 -42.54
N LYS A 331 14.50 8.59 -43.02
CA LYS A 331 13.88 8.12 -44.25
C LYS A 331 12.38 8.39 -44.23
N MET A 332 11.75 8.25 -43.07
CA MET A 332 10.31 8.47 -42.95
C MET A 332 9.94 9.93 -42.69
N GLY A 333 10.94 10.77 -42.52
CA GLY A 333 10.69 12.18 -42.26
C GLY A 333 10.38 12.51 -40.82
N ARG A 334 10.75 11.62 -39.89
CA ARG A 334 10.49 11.88 -38.48
C ARG A 334 11.74 12.45 -37.82
N ASP A 335 11.55 13.35 -36.88
CA ASP A 335 12.68 13.94 -36.17
C ASP A 335 13.05 12.97 -35.05
N PRO A 336 14.28 12.44 -35.09
CA PRO A 336 14.73 11.50 -34.06
C PRO A 336 14.91 12.11 -32.68
N ARG A 337 15.03 13.43 -32.61
CA ARG A 337 15.17 14.11 -31.32
C ARG A 337 13.90 13.92 -30.51
N THR A 338 12.79 13.69 -31.19
CA THR A 338 11.51 13.50 -30.52
C THR A 338 11.28 12.04 -30.15
N LYS A 339 12.14 11.15 -30.64
CA LYS A 339 11.98 9.73 -30.39
C LYS A 339 12.91 9.16 -29.33
N MET A 340 12.65 7.95 -28.91
CA MET A 340 13.50 7.38 -27.89
C MET A 340 14.07 6.02 -28.23
N LEU A 341 15.30 5.82 -27.80
CA LEU A 341 16.02 4.58 -27.98
C LEU A 341 16.21 3.96 -26.60
N ILE A 342 15.66 2.77 -26.44
CA ILE A 342 15.77 2.06 -25.18
C ILE A 342 16.77 0.93 -25.34
N PHE A 343 17.91 1.07 -24.69
CA PHE A 343 18.95 0.07 -24.72
C PHE A 343 18.74 -0.73 -23.45
N SER A 344 18.75 -2.05 -23.56
CA SER A 344 18.57 -2.84 -22.35
C SER A 344 19.67 -3.85 -22.37
N ASP A 345 19.31 -5.10 -22.64
CA ASP A 345 20.31 -6.13 -22.73
C ASP A 345 21.25 -6.14 -21.51
N GLY A 346 22.40 -6.78 -21.70
CA GLY A 346 23.38 -6.87 -20.66
C GLY A 346 24.52 -5.91 -20.87
N LEU A 347 24.20 -4.62 -20.95
CA LEU A 347 25.22 -3.60 -21.14
C LEU A 347 25.91 -3.37 -19.80
N ASP A 348 27.22 -3.18 -19.84
CA ASP A 348 27.97 -2.90 -18.61
C ASP A 348 28.05 -1.38 -18.61
N VAL A 349 28.67 -0.80 -17.58
CA VAL A 349 28.75 0.66 -17.50
C VAL A 349 29.46 1.32 -18.69
N ASP A 350 30.57 0.73 -19.15
CA ASP A 350 31.31 1.31 -20.27
C ASP A 350 30.42 1.41 -21.51
N ALA A 351 29.63 0.36 -21.74
CA ALA A 351 28.73 0.34 -22.89
C ALA A 351 27.72 1.47 -22.75
N ILE A 352 27.25 1.67 -21.52
CA ILE A 352 26.29 2.72 -21.25
C ILE A 352 26.88 4.12 -21.47
N VAL A 353 28.11 4.35 -20.98
CA VAL A 353 28.71 5.67 -21.14
C VAL A 353 29.04 5.94 -22.60
N ASP A 354 29.68 4.99 -23.25
CA ASP A 354 30.05 5.16 -24.65
C ASP A 354 28.81 5.33 -25.54
N THR A 355 27.76 4.56 -25.25
CA THR A 355 26.53 4.63 -26.03
C THR A 355 25.86 5.98 -25.82
N TYR A 356 25.81 6.39 -24.55
CA TYR A 356 25.20 7.68 -24.18
C TYR A 356 25.97 8.85 -24.81
N ARG A 357 27.29 8.86 -24.63
CA ARG A 357 28.12 9.93 -25.18
C ARG A 357 27.99 10.00 -26.70
N HIS A 358 27.82 8.84 -27.32
CA HIS A 358 27.68 8.79 -28.76
C HIS A 358 26.38 9.37 -29.30
N PHE A 359 25.25 9.05 -28.68
CA PHE A 359 23.96 9.54 -29.17
C PHE A 359 23.42 10.83 -28.54
N GLU A 360 24.01 11.27 -27.44
CA GLU A 360 23.53 12.48 -26.77
C GLU A 360 23.11 13.64 -27.68
N GLY A 361 21.95 14.21 -27.41
CA GLY A 361 21.47 15.34 -28.19
C GLY A 361 20.84 14.99 -29.53
N ARG A 362 21.01 13.75 -29.97
CA ARG A 362 20.44 13.34 -31.26
C ARG A 362 19.12 12.59 -31.09
N VAL A 363 18.90 12.03 -29.91
CA VAL A 363 17.71 11.25 -29.68
C VAL A 363 17.53 11.04 -28.18
N ARG A 364 16.32 10.66 -27.76
CA ARG A 364 16.07 10.39 -26.35
C ARG A 364 16.56 8.98 -26.06
N MET A 365 17.13 8.79 -24.87
CA MET A 365 17.69 7.50 -24.51
C MET A 365 17.27 7.04 -23.13
N SER A 366 17.21 5.72 -22.99
CA SER A 366 16.86 5.11 -21.74
C SER A 366 17.70 3.83 -21.66
N PHE A 367 18.22 3.54 -20.48
CA PHE A 367 19.04 2.35 -20.32
C PHE A 367 18.49 1.37 -19.29
N GLY A 368 18.65 0.09 -19.60
CA GLY A 368 18.21 -0.95 -18.70
C GLY A 368 19.44 -1.55 -18.05
N TRP A 369 19.42 -1.71 -16.75
CA TRP A 369 20.56 -2.28 -16.06
C TRP A 369 20.14 -3.61 -15.45
N GLY A 370 20.61 -4.72 -16.03
CA GLY A 370 20.22 -6.04 -15.55
C GLY A 370 21.25 -6.83 -14.76
N THR A 371 21.72 -7.94 -15.32
CA THR A 371 22.71 -8.79 -14.65
C THR A 371 23.85 -8.01 -13.99
N ASN A 372 24.49 -7.13 -14.77
CA ASN A 372 25.62 -6.34 -14.30
C ASN A 372 25.33 -5.50 -13.06
N LEU A 373 24.05 -5.34 -12.73
CA LEU A 373 23.69 -4.55 -11.57
C LEU A 373 23.31 -5.42 -10.38
N THR A 374 22.38 -6.32 -10.65
CA THR A 374 21.82 -7.21 -9.66
C THR A 374 22.58 -8.52 -9.40
N ASN A 375 23.71 -8.72 -10.09
CA ASN A 375 24.44 -9.95 -9.88
C ASN A 375 25.90 -9.88 -10.32
N ASP A 376 26.70 -9.08 -9.63
CA ASP A 376 28.11 -8.94 -9.95
C ASP A 376 28.92 -9.11 -8.66
N PHE A 377 29.17 -10.37 -8.30
CA PHE A 377 29.93 -10.71 -7.11
C PHE A 377 31.25 -11.34 -7.52
N ALA A 378 31.58 -11.20 -8.80
CA ALA A 378 32.80 -11.75 -9.40
C ALA A 378 34.01 -11.89 -8.46
N GLY A 379 34.66 -10.78 -8.13
CA GLY A 379 35.82 -10.87 -7.25
C GLY A 379 35.54 -10.44 -5.82
N CYS A 380 34.28 -10.58 -5.41
CA CYS A 380 33.89 -10.16 -4.07
C CYS A 380 34.09 -11.21 -2.98
N ALA A 381 34.40 -12.43 -3.36
CA ALA A 381 34.64 -13.47 -2.35
C ALA A 381 36.10 -13.41 -1.93
N PRO A 382 36.39 -13.63 -0.64
CA PRO A 382 37.77 -13.59 -0.14
C PRO A 382 38.71 -14.52 -0.92
N LEU A 388 31.88 -19.73 -7.04
CA LEU A 388 31.29 -18.62 -7.79
C LEU A 388 31.24 -18.93 -9.28
N LYS A 389 30.04 -18.95 -9.85
CA LYS A 389 29.86 -19.25 -11.28
C LYS A 389 28.92 -18.27 -11.99
N PRO A 390 28.97 -18.25 -13.33
CA PRO A 390 28.13 -17.36 -14.17
C PRO A 390 26.71 -17.90 -14.39
N ILE A 391 26.57 -18.85 -15.33
CA ILE A 391 25.30 -19.50 -15.64
C ILE A 391 24.35 -18.72 -16.58
N SER A 392 24.39 -19.06 -17.87
CA SER A 392 23.51 -18.41 -18.85
C SER A 392 22.23 -19.25 -18.91
N ILE A 393 21.29 -18.93 -18.02
CA ILE A 393 20.04 -19.66 -17.90
C ILE A 393 18.86 -18.87 -18.48
N VAL A 394 17.89 -19.57 -19.07
CA VAL A 394 16.69 -18.92 -19.61
C VAL A 394 15.45 -19.79 -19.58
N CYS A 395 14.30 -19.17 -19.80
CA CYS A 395 13.03 -19.87 -19.79
C CYS A 395 12.12 -19.26 -20.86
N LYS A 396 12.47 -19.46 -22.12
CA LYS A 396 11.72 -18.91 -23.24
C LYS A 396 10.51 -19.76 -23.68
N VAL A 397 9.72 -19.21 -24.60
CA VAL A 397 8.57 -19.93 -25.13
C VAL A 397 9.17 -20.93 -26.11
N SER A 398 8.76 -22.19 -26.04
CA SER A 398 9.29 -23.18 -26.95
C SER A 398 8.30 -23.47 -28.07
N ASP A 399 7.01 -23.38 -27.76
CA ASP A 399 5.98 -23.62 -28.77
C ASP A 399 4.66 -22.93 -28.46
N ALA A 400 3.80 -22.84 -29.48
CA ALA A 400 2.48 -22.22 -29.37
C ALA A 400 1.53 -23.10 -30.17
N ASN A 401 0.46 -23.55 -29.51
CA ASN A 401 -0.51 -24.43 -30.13
C ASN A 401 0.20 -25.62 -30.76
N GLY A 402 1.23 -26.12 -30.09
CA GLY A 402 1.95 -27.27 -30.58
C GLY A 402 2.93 -27.07 -31.73
N ARG A 403 3.20 -25.83 -32.09
CA ARG A 403 4.14 -25.57 -33.17
C ARG A 403 5.31 -24.78 -32.62
N PRO A 404 6.52 -25.03 -33.12
CA PRO A 404 7.78 -24.38 -32.70
C PRO A 404 7.88 -22.87 -32.74
N ALA A 405 8.13 -22.26 -31.58
CA ALA A 405 8.31 -20.82 -31.46
C ALA A 405 9.79 -20.62 -31.74
N VAL A 406 10.11 -19.59 -32.51
CA VAL A 406 11.49 -19.35 -32.89
C VAL A 406 11.91 -17.90 -32.79
N LYS A 407 13.22 -17.69 -32.62
CA LYS A 407 13.77 -16.34 -32.57
C LYS A 407 15.10 -16.24 -33.31
N LEU A 408 15.10 -15.47 -34.40
CA LEU A 408 16.31 -15.26 -35.20
C LEU A 408 16.64 -13.79 -34.97
N SER A 409 17.40 -13.50 -33.92
CA SER A 409 17.75 -12.11 -33.60
C SER A 409 18.54 -11.42 -34.71
N ASP A 410 19.20 -10.32 -34.38
CA ASP A 410 19.99 -9.61 -35.38
C ASP A 410 21.30 -10.33 -35.64
N ASN A 411 21.55 -11.40 -34.90
CA ASN A 411 22.72 -12.23 -35.07
C ASN A 411 22.17 -13.65 -35.28
N PRO A 412 21.71 -13.94 -36.50
CA PRO A 412 21.14 -15.24 -36.90
C PRO A 412 21.83 -16.47 -36.30
N GLN A 413 23.14 -16.40 -36.11
CA GLN A 413 23.88 -17.52 -35.54
C GLN A 413 23.49 -17.79 -34.09
N LYS A 414 22.94 -16.78 -33.42
CA LYS A 414 22.50 -16.93 -32.04
C LYS A 414 20.99 -17.18 -31.95
N ALA A 415 20.43 -17.77 -33.00
CA ALA A 415 19.00 -18.06 -33.05
C ALA A 415 18.52 -18.93 -31.87
N THR A 416 17.22 -19.05 -31.72
CA THR A 416 16.62 -19.82 -30.64
C THR A 416 15.46 -20.67 -31.16
N GLY A 417 15.37 -21.90 -30.65
CA GLY A 417 14.30 -22.79 -31.05
C GLY A 417 14.65 -23.84 -32.09
N ASP A 418 13.64 -24.66 -32.41
CA ASP A 418 13.74 -25.73 -33.38
C ASP A 418 14.61 -25.40 -34.59
N PRO A 419 15.78 -26.04 -34.71
CA PRO A 419 16.70 -25.80 -35.83
C PRO A 419 16.06 -25.74 -37.21
N ALA A 420 15.18 -26.69 -37.50
CA ALA A 420 14.52 -26.71 -38.80
C ALA A 420 13.61 -25.50 -38.99
N GLU A 421 12.91 -25.12 -37.93
CA GLU A 421 12.01 -23.98 -38.01
C GLU A 421 12.85 -22.72 -38.20
N VAL A 422 13.93 -22.60 -37.42
CA VAL A 422 14.86 -21.48 -37.53
C VAL A 422 15.24 -21.31 -38.99
N GLU A 423 15.58 -22.42 -39.65
CA GLU A 423 15.94 -22.42 -41.06
C GLU A 423 14.80 -21.89 -41.90
N ARG A 424 13.57 -22.28 -41.57
CA ARG A 424 12.43 -21.81 -42.35
C ARG A 424 12.26 -20.30 -42.23
N TYR A 425 12.36 -19.80 -41.00
CA TYR A 425 12.23 -18.37 -40.76
C TYR A 425 13.35 -17.59 -41.41
N LEU A 426 14.58 -18.05 -41.22
CA LEU A 426 15.75 -17.40 -41.78
C LEU A 426 15.63 -17.27 -43.30
N LYS A 427 15.14 -18.33 -43.93
CA LYS A 427 14.96 -18.37 -45.36
C LYS A 427 13.83 -17.45 -45.78
N PHE A 428 12.81 -17.36 -44.93
CA PHE A 428 11.66 -16.52 -45.22
C PHE A 428 11.90 -15.02 -45.04
N PHE A 429 12.48 -14.64 -43.90
CA PHE A 429 12.73 -13.24 -43.60
C PHE A 429 14.05 -12.72 -44.17
N GLY A 430 14.97 -13.64 -44.44
CA GLY A 430 16.26 -13.23 -44.97
C GLY A 430 17.13 -12.76 -43.82
N GLU A 431 18.33 -12.30 -44.13
CA GLU A 431 19.24 -11.81 -43.11
C GLU A 431 20.22 -10.82 -43.73
N GLU A 432 20.41 -9.68 -43.07
CA GLU A 432 21.32 -8.65 -43.58
C GLU A 432 22.70 -9.25 -43.88
N ASP A 433 23.41 -8.66 -44.83
CA ASP A 433 24.74 -9.13 -45.21
C ASP A 433 25.67 -9.23 -43.98
N MET B 8 8.03 -6.81 21.13
CA MET B 8 9.20 -6.32 21.89
C MET B 8 9.15 -4.80 22.07
N THR B 9 7.99 -4.28 22.43
CA THR B 9 7.81 -2.85 22.62
C THR B 9 8.79 -2.31 23.67
N LYS B 10 9.14 -3.16 24.65
CA LYS B 10 10.08 -2.76 25.69
C LYS B 10 11.49 -2.49 25.12
N THR B 11 12.03 -3.45 24.39
CA THR B 11 13.35 -3.30 23.78
C THR B 11 13.38 -2.00 22.96
N ASP B 12 12.26 -1.72 22.30
CA ASP B 12 12.10 -0.54 21.46
C ASP B 12 12.20 0.74 22.30
N ILE B 13 11.48 0.77 23.42
CA ILE B 13 11.46 1.92 24.33
C ILE B 13 12.85 2.29 24.88
N ALA B 14 13.58 1.30 25.37
CA ALA B 14 14.91 1.52 25.95
C ALA B 14 15.96 1.91 24.90
N THR B 15 15.85 1.35 23.71
CA THR B 15 16.81 1.62 22.64
C THR B 15 16.51 2.93 21.90
N ARG B 16 15.43 3.61 22.30
CA ARG B 16 15.06 4.88 21.69
C ARG B 16 15.22 6.09 22.61
N TRP B 22 21.68 11.80 18.86
CA TRP B 22 20.45 11.15 18.40
C TRP B 22 19.48 12.18 17.83
N LYS B 23 18.64 11.74 16.90
CA LYS B 23 17.64 12.63 16.28
C LYS B 23 16.27 12.48 16.94
N LEU B 24 15.13 13.10 16.41
CA LEU B 24 13.75 13.15 16.88
C LEU B 24 13.08 11.80 16.64
N ASP B 25 12.28 11.35 17.60
CA ASP B 25 11.57 10.08 17.50
C ASP B 25 10.08 10.45 17.42
N PRO B 26 9.60 10.77 16.21
CA PRO B 26 8.22 11.16 15.89
C PRO B 26 7.12 10.17 16.25
N ILE B 27 6.15 10.59 16.88
CA ILE B 27 4.99 9.91 17.45
C ILE B 27 3.91 9.70 16.40
N VAL B 28 3.64 10.73 15.63
CA VAL B 28 2.62 10.67 14.59
C VAL B 28 3.17 10.12 13.29
N ARG B 29 2.73 8.91 12.98
CA ARG B 29 3.15 8.17 11.80
C ARG B 29 2.80 8.83 10.46
N SER B 30 1.52 9.08 10.26
CA SER B 30 1.07 9.70 9.02
C SER B 30 -0.25 10.43 9.21
N LEU B 31 -0.75 11.03 8.13
CA LEU B 31 -2.00 11.76 8.18
C LEU B 31 -3.17 10.83 8.41
N ILE B 32 -3.02 9.55 8.06
CA ILE B 32 -4.14 8.65 8.28
C ILE B 32 -4.04 7.82 9.55
N ASP B 33 -3.09 8.17 10.42
CA ASP B 33 -2.96 7.51 11.71
C ASP B 33 -3.95 8.29 12.56
N THR B 34 -5.24 8.07 12.28
CA THR B 34 -6.33 8.78 12.95
C THR B 34 -7.60 7.93 12.84
N ASP B 35 -8.71 8.41 13.41
CA ASP B 35 -9.96 7.67 13.36
C ASP B 35 -10.72 7.91 12.05
N PHE B 36 -11.22 6.82 11.49
CA PHE B 36 -11.94 6.87 10.21
C PHE B 36 -13.04 7.92 10.14
N TYR B 37 -13.81 8.08 11.23
CA TYR B 37 -14.89 9.05 11.26
C TYR B 37 -14.37 10.46 10.97
N LYS B 38 -13.12 10.74 11.33
CA LYS B 38 -12.53 12.05 11.07
C LYS B 38 -12.39 12.29 9.57
N LEU B 39 -12.12 11.23 8.81
CA LEU B 39 -11.96 11.36 7.36
C LEU B 39 -13.32 11.50 6.66
N LEU B 40 -14.34 10.85 7.21
CA LEU B 40 -15.69 10.95 6.65
C LEU B 40 -16.22 12.35 6.93
N MET B 41 -16.03 12.80 8.16
CA MET B 41 -16.48 14.13 8.57
C MET B 41 -15.75 15.16 7.73
N LEU B 42 -14.43 15.06 7.68
CA LEU B 42 -13.63 16.00 6.92
C LEU B 42 -14.17 16.17 5.51
N GLN B 43 -14.50 15.07 4.85
CA GLN B 43 -15.04 15.17 3.50
C GLN B 43 -16.32 16.00 3.52
N MET B 44 -17.29 15.60 4.33
CA MET B 44 -18.56 16.33 4.43
C MET B 44 -18.30 17.82 4.60
N ILE B 45 -17.35 18.15 5.47
CA ILE B 45 -17.01 19.55 5.72
C ILE B 45 -16.47 20.21 4.45
N TRP B 46 -15.61 19.48 3.76
CA TRP B 46 -15.00 19.94 2.53
C TRP B 46 -16.04 20.17 1.44
N LYS B 47 -17.20 19.55 1.57
CA LYS B 47 -18.23 19.68 0.56
C LYS B 47 -19.44 20.54 0.95
N LEU B 48 -19.75 20.62 2.23
CA LEU B 48 -20.91 21.40 2.67
C LEU B 48 -20.61 22.67 3.48
N TYR B 49 -19.51 22.69 4.21
CA TYR B 49 -19.15 23.86 5.02
C TYR B 49 -17.69 24.24 4.79
N PRO B 50 -17.30 24.46 3.51
CA PRO B 50 -15.92 24.83 3.19
C PRO B 50 -15.44 26.21 3.64
N GLU B 51 -16.37 27.12 3.95
CA GLU B 51 -16.00 28.47 4.34
C GLU B 51 -16.07 28.73 5.86
N VAL B 52 -16.78 27.86 6.58
CA VAL B 52 -16.93 27.99 8.02
C VAL B 52 -15.61 27.79 8.76
N ASP B 53 -15.42 28.57 9.83
CA ASP B 53 -14.21 28.49 10.66
C ASP B 53 -14.54 27.81 11.97
N ALA B 54 -13.58 27.07 12.51
CA ALA B 54 -13.79 26.38 13.77
C ALA B 54 -12.45 26.26 14.48
N THR B 55 -12.48 26.50 15.79
CA THR B 55 -11.27 26.40 16.58
C THR B 55 -11.33 25.19 17.49
N PHE B 56 -10.19 24.54 17.67
CA PHE B 56 -10.12 23.36 18.51
C PHE B 56 -9.17 23.64 19.67
N SER B 57 -9.59 23.28 20.88
CA SER B 57 -8.78 23.52 22.07
C SER B 57 -8.53 22.26 22.89
N LEU B 58 -7.26 22.00 23.19
CA LEU B 58 -6.89 20.84 23.99
C LEU B 58 -7.16 21.24 25.42
N ILE B 59 -7.93 20.43 26.12
CA ILE B 59 -8.27 20.73 27.51
C ILE B 59 -8.08 19.55 28.44
N ASN B 60 -7.29 19.74 29.48
CA ASN B 60 -7.05 18.70 30.47
C ASN B 60 -8.09 18.83 31.57
N ARG B 61 -9.22 18.17 31.39
CA ARG B 61 -10.32 18.20 32.35
C ARG B 61 -9.93 17.55 33.67
N THR B 62 -8.69 17.79 34.11
CA THR B 62 -8.21 17.22 35.36
C THR B 62 -7.31 18.21 36.09
N LYS B 63 -7.84 18.83 37.15
CA LYS B 63 -7.07 19.79 37.94
C LYS B 63 -5.80 19.12 38.44
N THR B 64 -5.95 18.10 39.28
CA THR B 64 -4.80 17.39 39.81
C THR B 64 -4.00 16.91 38.61
N VAL B 65 -2.69 16.74 38.79
CA VAL B 65 -1.84 16.30 37.67
C VAL B 65 -1.61 17.43 36.68
N ARG B 66 -0.43 18.02 36.74
CA ARG B 66 -0.05 19.12 35.84
C ARG B 66 0.81 18.55 34.72
N LEU B 67 0.28 18.56 33.48
CA LEU B 67 1.01 18.03 32.33
C LEU B 67 2.31 18.77 32.03
N ALA B 68 2.39 20.02 32.47
CA ALA B 68 3.59 20.82 32.26
C ALA B 68 4.77 20.29 33.07
N GLU B 69 4.48 19.53 34.12
CA GLU B 69 5.54 18.97 34.96
C GLU B 69 5.97 17.61 34.40
N GLU B 70 5.12 17.00 33.58
CA GLU B 70 5.41 15.69 32.99
C GLU B 70 6.04 15.79 31.60
N ILE B 71 5.37 16.54 30.72
CA ILE B 71 5.83 16.71 29.35
C ILE B 71 6.68 17.97 29.15
N ASP B 72 7.82 17.80 28.49
CA ASP B 72 8.72 18.91 28.21
C ASP B 72 8.09 19.70 27.06
N GLU B 73 8.00 21.02 27.23
CA GLU B 73 7.39 21.87 26.21
C GLU B 73 8.09 21.83 24.86
N MET B 74 9.41 21.93 24.85
CA MET B 74 10.16 21.91 23.61
C MET B 74 9.96 20.58 22.87
N GLU B 75 9.92 19.48 23.61
CA GLU B 75 9.69 18.17 23.00
C GLU B 75 8.32 18.22 22.33
N LEU B 76 7.33 18.68 23.09
CA LEU B 76 5.96 18.80 22.60
C LEU B 76 5.90 19.55 21.28
N ARG B 77 6.52 20.73 21.24
CA ARG B 77 6.54 21.53 20.03
C ARG B 77 7.19 20.77 18.87
N GLU B 78 8.15 19.90 19.17
CA GLU B 78 8.81 19.10 18.14
C GLU B 78 7.83 18.13 17.51
N GLN B 79 7.16 17.36 18.37
CA GLN B 79 6.19 16.39 17.90
C GLN B 79 5.11 17.09 17.07
N LEU B 80 4.60 18.20 17.58
CA LEU B 80 3.58 18.95 16.86
C LEU B 80 4.10 19.44 15.50
N ASP B 81 5.31 20.01 15.50
CA ASP B 81 5.91 20.51 14.27
C ASP B 81 6.09 19.41 13.24
N HIS B 82 6.64 18.29 13.67
CA HIS B 82 6.85 17.19 12.74
C HIS B 82 5.53 16.77 12.10
N ALA B 83 4.48 16.71 12.91
CA ALA B 83 3.18 16.35 12.42
C ALA B 83 2.75 17.17 11.21
N ARG B 84 2.81 18.50 11.32
CA ARG B 84 2.38 19.34 10.19
C ARG B 84 3.32 19.25 9.00
N THR B 85 4.31 18.38 9.12
CA THR B 85 5.27 18.14 8.05
C THR B 85 4.74 17.00 7.17
N LEU B 86 3.90 16.16 7.76
CA LEU B 86 3.33 15.00 7.08
C LEU B 86 2.41 15.31 5.92
N ARG B 87 2.43 14.44 4.92
CA ARG B 87 1.57 14.56 3.76
C ARG B 87 1.07 13.17 3.41
N LEU B 88 -0.05 13.09 2.69
CA LEU B 88 -0.56 11.79 2.29
C LEU B 88 0.53 11.09 1.46
N SER B 89 0.74 9.81 1.69
CA SER B 89 1.73 9.09 0.91
C SER B 89 1.06 8.60 -0.37
N LYS B 90 1.87 8.23 -1.35
CA LYS B 90 1.36 7.75 -2.64
C LYS B 90 0.44 6.56 -2.42
N LYS B 91 0.85 5.65 -1.55
CA LYS B 91 0.07 4.45 -1.29
C LYS B 91 -1.20 4.67 -0.48
N GLU B 92 -1.17 5.60 0.48
CA GLU B 92 -2.35 5.89 1.28
C GLU B 92 -3.43 6.49 0.36
N ASN B 93 -2.98 7.36 -0.54
CA ASN B 93 -3.85 8.01 -1.49
C ASN B 93 -4.57 6.95 -2.32
N ILE B 94 -3.79 6.05 -2.93
CA ILE B 94 -4.35 4.99 -3.75
C ILE B 94 -5.30 4.09 -2.96
N TRP B 95 -4.86 3.68 -1.77
CA TRP B 95 -5.67 2.83 -0.91
C TRP B 95 -7.02 3.47 -0.53
N LEU B 96 -7.01 4.74 -0.16
CA LEU B 96 -8.26 5.40 0.19
C LEU B 96 -9.19 5.49 -1.02
N ALA B 97 -8.63 5.57 -2.21
CA ALA B 97 -9.44 5.66 -3.41
C ALA B 97 -10.04 4.30 -3.84
N GLY B 98 -9.23 3.24 -3.77
CA GLY B 98 -9.70 1.93 -4.21
C GLY B 98 -10.19 0.89 -3.21
N ASN B 99 -9.97 1.11 -1.92
CA ASN B 99 -10.44 0.15 -0.93
C ASN B 99 -11.95 0.30 -0.77
N THR B 100 -12.61 -0.78 -0.36
CA THR B 100 -14.05 -0.74 -0.15
C THR B 100 -14.28 -0.53 1.33
N PHE B 101 -15.04 0.49 1.67
CA PHE B 101 -15.33 0.73 3.08
C PHE B 101 -16.69 0.19 3.44
N TYR B 102 -17.52 0.91 4.18
CA TYR B 102 -18.83 0.38 4.57
C TYR B 102 -19.67 -0.17 3.42
N GLY B 103 -19.10 -1.13 2.68
CA GLY B 103 -19.79 -1.73 1.56
C GLY B 103 -19.67 -0.99 0.23
N ARG B 104 -19.15 0.22 0.26
CA ARG B 104 -19.02 1.01 -0.97
C ARG B 104 -17.61 1.20 -1.50
N SER B 105 -17.51 1.38 -2.82
CA SER B 105 -16.22 1.63 -3.46
C SER B 105 -16.07 3.15 -3.54
N GLN B 106 -14.84 3.63 -3.71
CA GLN B 106 -14.55 5.07 -3.75
C GLN B 106 -15.57 5.98 -3.05
N ILE B 107 -15.64 5.87 -1.73
CA ILE B 107 -16.54 6.71 -0.94
C ILE B 107 -15.93 8.10 -0.89
N PHE B 108 -14.66 8.20 -1.27
CA PHE B 108 -13.98 9.48 -1.29
C PHE B 108 -13.82 9.95 -2.73
N GLU B 109 -14.51 11.03 -3.08
CA GLU B 109 -14.45 11.59 -4.44
C GLU B 109 -13.03 11.96 -4.83
N PRO B 110 -12.72 11.94 -6.14
CA PRO B 110 -11.38 12.28 -6.62
C PRO B 110 -11.04 13.72 -6.25
N GLU B 111 -12.05 14.59 -6.31
CA GLU B 111 -11.91 16.00 -5.98
C GLU B 111 -11.39 16.13 -4.54
N PHE B 112 -12.06 15.43 -3.62
CA PHE B 112 -11.68 15.48 -2.22
C PHE B 112 -10.28 14.92 -1.97
N LEU B 113 -9.96 13.79 -2.59
CA LEU B 113 -8.66 13.17 -2.40
C LEU B 113 -7.52 14.00 -2.98
N SER B 114 -7.80 14.74 -4.06
CA SER B 114 -6.77 15.57 -4.67
C SER B 114 -6.46 16.71 -3.69
N TRP B 115 -7.48 17.15 -2.97
CA TRP B 115 -7.33 18.21 -1.98
C TRP B 115 -6.50 17.69 -0.79
N LEU B 116 -6.93 16.55 -0.23
CA LEU B 116 -6.25 15.96 0.91
C LEU B 116 -4.82 15.59 0.56
N SER B 117 -4.56 15.35 -0.72
CA SER B 117 -3.23 15.01 -1.17
C SER B 117 -2.30 16.23 -1.01
N SER B 118 -2.88 17.41 -0.86
CA SER B 118 -2.08 18.63 -0.69
C SER B 118 -2.11 19.17 0.72
N TYR B 119 -3.10 18.72 1.50
CA TYR B 119 -3.26 19.17 2.88
C TYR B 119 -2.09 18.93 3.81
N GLN B 120 -1.94 19.85 4.77
CA GLN B 120 -0.92 19.76 5.80
C GLN B 120 -1.51 20.46 7.01
N LEU B 121 -1.24 19.91 8.20
CA LEU B 121 -1.74 20.47 9.44
C LEU B 121 -1.36 21.95 9.60
N PRO B 122 -2.34 22.80 9.92
CA PRO B 122 -2.14 24.24 10.10
C PRO B 122 -1.26 24.57 11.30
N GLU B 123 -1.19 25.85 11.64
CA GLU B 123 -0.40 26.30 12.78
C GLU B 123 -1.21 26.22 14.07
N TYR B 124 -0.50 26.02 15.17
CA TYR B 124 -1.13 25.89 16.47
C TYR B 124 -0.66 26.96 17.44
N GLU B 125 -1.38 27.10 18.53
CA GLU B 125 -1.10 28.08 19.56
C GLU B 125 -0.84 27.32 20.87
N LEU B 126 0.41 27.28 21.30
CA LEU B 126 0.76 26.57 22.53
C LEU B 126 1.08 27.57 23.63
N PHE B 127 0.29 27.55 24.70
CA PHE B 127 0.51 28.46 25.82
C PHE B 127 0.59 27.68 27.14
N LYS B 128 1.60 28.01 27.95
CA LYS B 128 1.81 27.35 29.23
C LYS B 128 1.03 28.16 30.30
N ARG B 129 0.43 27.48 31.27
CA ARG B 129 -0.34 28.17 32.31
C ARG B 129 -0.80 27.26 33.44
N ASP B 130 -0.62 27.73 34.67
CA ASP B 130 -1.03 26.98 35.86
C ASP B 130 -0.65 25.50 35.78
N GLY B 131 0.58 25.22 35.36
CA GLY B 131 1.04 23.84 35.26
C GLY B 131 0.45 23.01 34.14
N GLN B 132 -0.40 23.63 33.33
CA GLN B 132 -1.03 22.92 32.22
C GLN B 132 -0.60 23.53 30.89
N TYR B 133 -0.87 22.83 29.80
CA TYR B 133 -0.55 23.32 28.46
C TYR B 133 -1.82 23.71 27.75
N GLU B 134 -1.79 24.83 27.05
CA GLU B 134 -2.95 25.28 26.29
C GLU B 134 -2.59 25.11 24.83
N LEU B 135 -3.42 24.38 24.10
CA LEU B 135 -3.18 24.13 22.68
C LEU B 135 -4.42 24.47 21.88
N ASN B 136 -4.31 25.44 20.97
CA ASN B 136 -5.43 25.85 20.15
C ASN B 136 -5.06 25.82 18.67
N PHE B 137 -6.02 25.43 17.84
CA PHE B 137 -5.80 25.38 16.39
C PHE B 137 -6.88 26.23 15.75
N HIS B 138 -6.46 27.31 15.09
CA HIS B 138 -7.40 28.23 14.45
C HIS B 138 -7.38 28.07 12.93
N GLY B 139 -8.48 28.46 12.31
CA GLY B 139 -8.58 28.38 10.86
C GLY B 139 -9.92 27.83 10.42
N ARG B 140 -10.00 27.44 9.15
CA ARG B 140 -11.21 26.88 8.59
C ARG B 140 -11.50 25.53 9.24
N TRP B 141 -12.78 25.22 9.36
CA TRP B 141 -13.20 23.96 9.96
C TRP B 141 -12.44 22.79 9.33
N MET B 142 -12.40 22.76 8.00
CA MET B 142 -11.73 21.69 7.30
C MET B 142 -10.21 21.66 7.47
N ASP B 143 -9.63 22.73 8.01
CA ASP B 143 -8.18 22.75 8.20
C ASP B 143 -7.73 22.43 9.62
N THR B 144 -8.67 22.41 10.55
CA THR B 144 -8.32 22.14 11.94
C THR B 144 -8.83 20.80 12.44
N THR B 145 -9.97 20.37 11.91
CA THR B 145 -10.57 19.11 12.34
C THR B 145 -9.59 17.94 12.52
N LEU B 146 -8.63 17.81 11.61
CA LEU B 146 -7.66 16.70 11.72
C LEU B 146 -6.62 16.85 12.82
N TRP B 147 -6.63 17.96 13.54
CA TRP B 147 -5.64 18.15 14.60
C TRP B 147 -6.00 17.40 15.87
N GLU B 148 -7.30 17.26 16.11
CA GLU B 148 -7.78 16.59 17.30
C GLU B 148 -7.01 15.31 17.70
N ILE B 149 -7.16 14.25 16.90
CA ILE B 149 -6.52 12.98 17.19
C ILE B 149 -4.98 13.07 17.33
N PRO B 150 -4.30 13.59 16.30
CA PRO B 150 -2.84 13.70 16.35
C PRO B 150 -2.34 14.38 17.62
N ALA B 151 -3.05 15.43 18.05
CA ALA B 151 -2.68 16.17 19.25
C ALA B 151 -2.79 15.29 20.47
N LEU B 152 -3.91 14.58 20.60
CA LEU B 152 -4.12 13.70 21.74
C LEU B 152 -3.08 12.58 21.79
N SER B 153 -2.77 11.99 20.64
CA SER B 153 -1.79 10.91 20.61
C SER B 153 -0.41 11.41 20.98
N ILE B 154 -0.11 12.66 20.64
CA ILE B 154 1.20 13.21 20.96
C ILE B 154 1.34 13.39 22.48
N ILE B 155 0.38 14.06 23.10
CA ILE B 155 0.42 14.28 24.55
C ILE B 155 0.46 12.93 25.29
N ASN B 156 -0.53 12.09 25.06
CA ASN B 156 -0.60 10.80 25.72
C ASN B 156 0.65 9.93 25.59
N GLU B 157 1.26 9.90 24.41
CA GLU B 157 2.48 9.09 24.25
C GLU B 157 3.69 9.78 24.86
N LEU B 158 3.64 11.11 24.95
CA LEU B 158 4.73 11.85 25.57
C LEU B 158 4.66 11.54 27.06
N ARG B 159 3.44 11.48 27.59
CA ARG B 159 3.20 11.17 28.98
C ARG B 159 3.87 9.83 29.31
N SER B 160 3.64 8.85 28.44
CA SER B 160 4.20 7.51 28.61
C SER B 160 5.72 7.46 28.55
N ARG B 161 6.30 8.11 27.56
CA ARG B 161 7.75 8.12 27.42
C ARG B 161 8.33 8.80 28.64
N SER B 162 7.70 9.90 29.05
CA SER B 162 8.14 10.66 30.20
C SER B 162 8.14 9.80 31.46
N ALA B 163 7.10 9.00 31.62
CA ALA B 163 6.99 8.14 32.79
C ALA B 163 7.91 6.92 32.73
N MET B 164 8.43 6.59 31.54
CA MET B 164 9.31 5.43 31.40
C MET B 164 10.77 5.81 31.12
N ARG B 165 11.07 7.10 31.16
CA ARG B 165 12.44 7.56 30.89
C ARG B 165 13.44 7.07 31.93
N SER B 166 12.94 6.72 33.12
CA SER B 166 13.82 6.27 34.20
C SER B 166 13.59 4.82 34.61
N LEU B 167 13.15 3.99 33.68
CA LEU B 167 12.88 2.58 33.99
C LEU B 167 14.09 1.66 33.80
N GLY B 168 14.43 1.33 32.57
CA GLY B 168 15.57 0.46 32.34
C GLY B 168 15.15 -0.92 31.84
N TYR B 169 15.85 -1.40 30.81
CA TYR B 169 15.60 -2.69 30.17
C TYR B 169 14.69 -3.67 30.93
N PHE B 170 15.22 -4.35 31.94
CA PHE B 170 14.42 -5.33 32.69
C PHE B 170 13.12 -4.77 33.27
N THR B 171 13.20 -3.66 33.98
CA THR B 171 12.00 -3.05 34.55
C THR B 171 10.94 -2.86 33.46
N LEU B 172 11.38 -2.42 32.28
CA LEU B 172 10.46 -2.20 31.17
C LEU B 172 9.91 -3.51 30.60
N ASP B 173 10.76 -4.53 30.56
CA ASP B 173 10.36 -5.82 30.04
C ASP B 173 9.29 -6.47 30.91
N VAL B 174 9.38 -6.30 32.23
CA VAL B 174 8.40 -6.88 33.13
C VAL B 174 7.08 -6.11 32.99
N LEU B 175 7.19 -4.79 32.92
CA LEU B 175 6.03 -3.92 32.78
C LEU B 175 5.14 -4.34 31.59
N TYR B 176 5.74 -4.44 30.40
CA TYR B 176 4.96 -4.86 29.24
C TYR B 176 4.46 -6.30 29.37
N ALA B 177 5.35 -7.20 29.77
CA ALA B 177 4.98 -8.59 29.93
C ALA B 177 3.68 -8.70 30.73
N ARG B 178 3.62 -8.00 31.85
CA ARG B 178 2.42 -8.04 32.69
C ARG B 178 1.27 -7.28 32.01
N ALA B 179 1.61 -6.30 31.18
CA ALA B 179 0.58 -5.55 30.48
C ALA B 179 -0.07 -6.49 29.46
N LYS B 180 0.75 -7.29 28.80
CA LYS B 180 0.25 -8.24 27.80
C LYS B 180 -0.59 -9.33 28.45
N ALA B 181 -0.12 -9.85 29.57
CA ALA B 181 -0.86 -10.90 30.28
C ALA B 181 -2.21 -10.34 30.69
N LYS B 182 -2.21 -9.09 31.14
CA LYS B 182 -3.41 -8.42 31.58
C LYS B 182 -4.39 -8.41 30.40
N MET B 183 -3.93 -7.86 29.29
CA MET B 183 -4.72 -7.78 28.07
C MET B 183 -5.29 -9.16 27.69
N TRP B 184 -4.40 -10.13 27.52
CA TRP B 184 -4.82 -11.48 27.12
C TRP B 184 -5.87 -12.12 28.01
N GLU B 185 -5.80 -11.86 29.32
CA GLU B 185 -6.78 -12.44 30.23
C GLU B 185 -8.13 -11.82 29.93
N LYS B 186 -8.15 -10.58 29.45
CA LYS B 186 -9.40 -9.93 29.08
C LYS B 186 -9.92 -10.58 27.82
N VAL B 187 -9.00 -10.94 26.94
CA VAL B 187 -9.33 -11.60 25.69
C VAL B 187 -10.02 -12.92 26.02
N GLU B 188 -9.48 -13.63 27.01
CA GLU B 188 -10.02 -14.91 27.43
C GLU B 188 -11.48 -14.79 27.86
N ARG B 189 -11.78 -13.71 28.58
CA ARG B 189 -13.14 -13.49 29.04
C ARG B 189 -14.09 -13.23 27.89
N LEU B 190 -13.68 -12.37 26.96
CA LEU B 190 -14.53 -12.04 25.81
C LEU B 190 -14.78 -13.16 24.82
N ARG B 191 -13.84 -14.11 24.69
CA ARG B 191 -14.05 -15.18 23.74
C ARG B 191 -15.17 -16.10 24.20
N GLU B 192 -15.69 -15.84 25.39
CA GLU B 192 -16.78 -16.64 25.95
C GLU B 192 -18.12 -16.20 25.36
N LEU B 193 -18.16 -14.99 24.80
CA LEU B 193 -19.36 -14.46 24.19
C LEU B 193 -19.10 -14.37 22.70
N PRO B 194 -19.14 -15.50 22.00
CA PRO B 194 -18.90 -15.52 20.56
C PRO B 194 -19.82 -14.62 19.74
N GLY B 195 -20.90 -14.14 20.37
CA GLY B 195 -21.83 -13.29 19.65
C GLY B 195 -21.57 -11.79 19.76
N LEU B 196 -20.55 -11.38 20.52
CA LEU B 196 -20.28 -9.96 20.62
C LEU B 196 -19.49 -9.45 19.45
N ARG B 197 -19.70 -8.19 19.11
CA ARG B 197 -19.00 -7.57 18.00
C ARG B 197 -18.27 -6.38 18.58
N ILE B 198 -16.96 -6.48 18.61
CA ILE B 198 -16.14 -5.43 19.18
C ILE B 198 -15.10 -4.93 18.18
N SER B 199 -14.90 -3.63 18.19
CA SER B 199 -13.95 -2.99 17.30
C SER B 199 -13.01 -2.12 18.13
N ASP B 200 -11.79 -1.91 17.64
CA ASP B 200 -10.81 -1.09 18.31
C ASP B 200 -11.16 0.38 18.11
N PHE B 201 -11.12 1.15 19.19
CA PHE B 201 -11.40 2.58 19.11
C PHE B 201 -10.51 3.37 20.08
N GLY B 202 -9.32 2.84 20.37
CA GLY B 202 -8.44 3.54 21.29
C GLY B 202 -7.27 4.32 20.73
N THR B 203 -7.46 5.01 19.62
CA THR B 203 -6.38 5.78 19.02
C THR B 203 -5.96 7.03 19.83
N ARG B 204 -6.92 7.89 20.14
CA ARG B 204 -6.63 9.13 20.86
C ARG B 204 -6.02 8.94 22.25
N ARG B 205 -6.37 7.86 22.92
CA ARG B 205 -5.82 7.62 24.25
C ARG B 205 -4.95 6.38 24.37
N ARG B 206 -4.34 5.97 23.28
CA ARG B 206 -3.47 4.80 23.29
C ARG B 206 -2.18 5.11 24.06
N HIS B 207 -1.66 4.10 24.75
CA HIS B 207 -0.42 4.24 25.51
C HIS B 207 0.71 4.61 24.53
N SER B 208 0.60 4.09 23.30
CA SER B 208 1.56 4.38 22.25
C SER B 208 1.10 3.66 20.98
N PHE B 209 1.69 4.03 19.86
CA PHE B 209 1.35 3.45 18.56
C PHE B 209 1.60 1.94 18.50
N LEU B 210 2.79 1.51 18.92
CA LEU B 210 3.15 0.11 18.89
C LEU B 210 2.29 -0.71 19.85
N TRP B 211 1.97 -0.13 21.00
CA TRP B 211 1.15 -0.86 21.97
C TRP B 211 -0.22 -1.14 21.38
N GLN B 212 -0.86 -0.11 20.84
CA GLN B 212 -2.16 -0.26 20.20
C GLN B 212 -2.11 -1.38 19.15
N ARG B 213 -1.06 -1.35 18.33
CA ARG B 213 -0.87 -2.32 17.26
C ARG B 213 -0.85 -3.72 17.84
N TRP B 214 -0.24 -3.87 19.02
CA TRP B 214 -0.14 -5.17 19.66
C TRP B 214 -1.50 -5.60 20.21
N CYS B 215 -2.23 -4.64 20.80
CA CYS B 215 -3.54 -4.94 21.37
C CYS B 215 -4.54 -5.33 20.29
N VAL B 216 -4.46 -4.71 19.12
CA VAL B 216 -5.38 -5.04 18.05
C VAL B 216 -5.05 -6.41 17.47
N GLU B 217 -3.76 -6.76 17.46
CA GLU B 217 -3.34 -8.06 16.94
C GLU B 217 -3.83 -9.16 17.87
N ALA B 218 -3.66 -8.97 19.18
CA ALA B 218 -4.08 -9.96 20.16
C ALA B 218 -5.59 -10.14 20.14
N LEU B 219 -6.31 -9.03 19.99
CA LEU B 219 -7.76 -9.05 19.93
C LEU B 219 -8.23 -9.82 18.69
N LYS B 220 -7.52 -9.64 17.58
CA LYS B 220 -7.84 -10.31 16.33
C LYS B 220 -7.60 -11.82 16.44
N GLU B 221 -6.53 -12.20 17.11
CA GLU B 221 -6.18 -13.62 17.31
C GLU B 221 -7.12 -14.28 18.31
N GLY B 222 -7.40 -13.56 19.40
CA GLY B 222 -8.24 -14.08 20.46
C GLY B 222 -9.72 -14.32 20.25
N ILE B 223 -10.45 -13.32 19.74
CA ILE B 223 -11.90 -13.50 19.54
C ILE B 223 -12.29 -13.69 18.08
N GLY B 224 -11.30 -13.82 17.21
CA GLY B 224 -11.54 -14.03 15.79
C GLY B 224 -12.66 -13.20 15.18
N PRO B 225 -13.73 -13.83 14.70
CA PRO B 225 -14.90 -13.19 14.07
C PRO B 225 -15.60 -12.13 14.91
N ALA B 226 -15.43 -12.19 16.23
CA ALA B 226 -16.07 -11.21 17.10
C ALA B 226 -15.43 -9.84 16.92
N PHE B 227 -14.16 -9.82 16.49
CA PHE B 227 -13.43 -8.58 16.26
C PHE B 227 -13.88 -8.04 14.90
N THR B 228 -14.40 -6.82 14.87
CA THR B 228 -14.93 -6.29 13.62
C THR B 228 -14.10 -5.24 12.90
N GLY B 229 -13.06 -4.73 13.55
CA GLY B 229 -12.23 -3.74 12.90
C GLY B 229 -11.62 -2.70 13.81
N THR B 230 -11.06 -1.68 13.21
CA THR B 230 -10.44 -0.61 13.98
C THR B 230 -10.78 0.72 13.35
N SER B 231 -10.89 1.74 14.19
CA SER B 231 -11.20 3.08 13.70
C SER B 231 -9.92 3.72 13.12
N ASN B 232 -8.77 3.14 13.45
CA ASN B 232 -7.50 3.68 12.97
C ASN B 232 -7.29 3.19 11.55
N VAL B 233 -7.51 4.09 10.58
CA VAL B 233 -7.38 3.72 9.19
C VAL B 233 -5.97 3.21 8.83
N LEU B 234 -4.93 3.83 9.40
CA LEU B 234 -3.57 3.36 9.11
C LEU B 234 -3.49 1.88 9.50
N LEU B 235 -4.01 1.52 10.67
CA LEU B 235 -4.00 0.12 11.10
C LEU B 235 -4.92 -0.71 10.21
N ALA B 236 -6.04 -0.14 9.82
CA ALA B 236 -6.98 -0.83 8.95
C ALA B 236 -6.26 -1.18 7.65
N MET B 237 -5.53 -0.21 7.10
CA MET B 237 -4.79 -0.41 5.84
C MET B 237 -3.64 -1.42 6.00
N ASP B 238 -2.81 -1.23 7.02
CA ASP B 238 -1.68 -2.14 7.23
C ASP B 238 -2.06 -3.60 7.49
N SER B 239 -3.14 -3.84 8.23
CA SER B 239 -3.54 -5.19 8.54
C SER B 239 -4.76 -5.68 7.75
N ASP B 240 -5.15 -4.96 6.72
CA ASP B 240 -6.32 -5.36 5.94
C ASP B 240 -7.56 -5.63 6.81
N LEU B 241 -7.84 -4.71 7.72
CA LEU B 241 -9.00 -4.80 8.60
C LEU B 241 -10.00 -3.75 8.13
N GLU B 242 -11.24 -3.88 8.56
CA GLU B 242 -12.24 -2.89 8.19
C GLU B 242 -12.02 -1.63 9.02
N ALA B 243 -12.13 -0.47 8.38
CA ALA B 243 -12.00 0.80 9.07
C ALA B 243 -13.41 1.04 9.63
N VAL B 244 -13.51 1.37 10.90
CA VAL B 244 -14.81 1.56 11.52
C VAL B 244 -15.06 2.97 12.02
N GLY B 245 -16.32 3.39 11.98
CA GLY B 245 -16.68 4.72 12.44
C GLY B 245 -17.79 5.41 11.66
N THR B 246 -18.39 6.41 12.28
CA THR B 246 -19.46 7.16 11.63
C THR B 246 -19.22 8.67 11.80
N ASN B 247 -20.01 9.31 12.65
CA ASN B 247 -19.90 10.76 12.88
C ASN B 247 -19.75 11.09 14.37
N ALA B 248 -19.33 12.31 14.66
CA ALA B 248 -19.13 12.73 16.03
C ALA B 248 -19.82 14.04 16.41
N HIS B 249 -19.86 14.32 17.71
CA HIS B 249 -20.49 15.52 18.26
C HIS B 249 -20.03 16.83 17.61
N GLU B 250 -18.80 16.89 17.12
CA GLU B 250 -18.30 18.10 16.50
C GLU B 250 -19.17 18.56 15.31
N LEU B 251 -20.05 17.70 14.84
CA LEU B 251 -20.92 18.05 13.72
C LEU B 251 -22.09 18.88 14.23
N PRO B 252 -22.88 18.35 15.19
CA PRO B 252 -24.02 19.10 15.72
C PRO B 252 -23.59 20.27 16.62
N MET B 253 -22.34 20.25 17.07
CA MET B 253 -21.81 21.32 17.90
C MET B 253 -21.48 22.55 17.06
N VAL B 254 -21.22 22.35 15.77
CA VAL B 254 -20.89 23.46 14.88
C VAL B 254 -22.10 24.00 14.14
N VAL B 255 -23.01 23.12 13.75
CA VAL B 255 -24.22 23.54 13.04
C VAL B 255 -25.15 24.22 14.04
N ALA B 256 -24.76 24.20 15.30
CA ALA B 256 -25.54 24.84 16.36
C ALA B 256 -24.99 26.26 16.49
N ALA B 257 -23.74 26.36 16.92
CA ALA B 257 -23.08 27.65 17.08
C ALA B 257 -23.21 28.53 15.83
N LEU B 258 -23.43 27.90 14.68
CA LEU B 258 -23.58 28.65 13.44
C LEU B 258 -25.00 29.18 13.29
N ALA B 259 -25.96 28.49 13.90
CA ALA B 259 -27.36 28.90 13.83
C ALA B 259 -27.54 30.30 14.40
N GLN B 260 -28.55 31.01 13.89
CA GLN B 260 -28.84 32.36 14.36
C GLN B 260 -30.28 32.45 14.84
N THR B 261 -31.22 32.22 13.93
CA THR B 261 -32.64 32.28 14.28
C THR B 261 -32.91 31.24 15.37
N ASN B 262 -33.74 31.61 16.34
CA ASN B 262 -34.10 30.69 17.41
C ASN B 262 -34.65 29.40 16.81
N GLU B 263 -35.13 29.50 15.58
CA GLU B 263 -35.69 28.36 14.85
C GLU B 263 -34.54 27.56 14.23
N GLU B 264 -33.63 28.28 13.60
CA GLU B 264 -32.47 27.68 12.94
C GLU B 264 -31.72 26.76 13.90
N LEU B 265 -31.60 27.21 15.15
CA LEU B 265 -30.91 26.46 16.20
C LEU B 265 -31.65 25.15 16.48
N ALA B 266 -32.95 25.24 16.71
CA ALA B 266 -33.77 24.07 17.00
C ALA B 266 -33.76 23.07 15.85
N ALA B 267 -33.28 23.51 14.68
CA ALA B 267 -33.22 22.64 13.51
C ALA B 267 -31.78 22.20 13.25
N ALA B 268 -30.87 22.60 14.15
CA ALA B 268 -29.46 22.24 14.02
C ALA B 268 -29.23 20.74 14.22
N PRO B 269 -29.76 20.18 15.31
CA PRO B 269 -29.57 18.75 15.56
C PRO B 269 -30.06 17.83 14.44
N TYR B 270 -31.02 18.27 13.66
CA TYR B 270 -31.54 17.44 12.59
C TYR B 270 -30.96 17.82 11.23
N GLN B 271 -30.42 19.02 11.14
CA GLN B 271 -29.84 19.49 9.89
C GLN B 271 -28.61 18.64 9.59
N VAL B 272 -27.85 18.34 10.65
CA VAL B 272 -26.64 17.53 10.53
C VAL B 272 -26.94 16.16 9.93
N LEU B 273 -27.99 15.50 10.42
CA LEU B 273 -28.37 14.20 9.91
C LEU B 273 -28.68 14.34 8.43
N LYS B 274 -29.42 15.39 8.07
CA LYS B 274 -29.78 15.63 6.69
C LYS B 274 -28.54 15.76 5.81
N ASP B 275 -27.50 16.41 6.34
CA ASP B 275 -26.27 16.59 5.60
C ASP B 275 -25.50 15.28 5.50
N TRP B 276 -25.22 14.67 6.64
CA TRP B 276 -24.49 13.40 6.67
C TRP B 276 -25.12 12.37 5.73
N ASN B 277 -26.44 12.30 5.75
CA ASN B 277 -27.17 11.36 4.90
C ASN B 277 -27.15 11.73 3.43
N ARG B 278 -26.57 12.87 3.10
CA ARG B 278 -26.51 13.29 1.71
C ARG B 278 -25.24 12.77 1.04
N LEU B 279 -24.25 12.40 1.85
CA LEU B 279 -23.00 11.86 1.31
C LEU B 279 -22.89 10.40 1.66
N TYR B 280 -23.54 10.02 2.76
CA TYR B 280 -23.46 8.65 3.21
C TYR B 280 -24.81 8.02 3.46
N GLY B 281 -24.80 6.70 3.53
CA GLY B 281 -26.02 5.94 3.79
C GLY B 281 -25.67 4.55 4.28
N GLY B 282 -26.65 3.66 4.23
CA GLY B 282 -26.42 2.30 4.67
C GLY B 282 -26.08 2.25 6.13
N ASN B 283 -25.05 1.47 6.47
CA ASN B 283 -24.63 1.32 7.86
C ASN B 283 -23.98 2.56 8.45
N LEU B 284 -23.83 3.61 7.64
CA LEU B 284 -23.24 4.84 8.14
C LEU B 284 -24.33 5.72 8.77
N LEU B 285 -25.58 5.30 8.63
CA LEU B 285 -26.71 6.03 9.21
C LEU B 285 -26.90 5.67 10.68
N ILE B 286 -25.98 6.14 11.51
CA ILE B 286 -26.03 5.91 12.95
C ILE B 286 -26.30 7.24 13.61
N VAL B 287 -27.37 7.30 14.38
CA VAL B 287 -27.75 8.55 15.06
C VAL B 287 -26.96 8.79 16.34
N LEU B 288 -26.48 10.03 16.49
CA LEU B 288 -25.71 10.46 17.67
C LEU B 288 -26.51 11.56 18.35
N PRO B 289 -27.57 11.18 19.08
CA PRO B 289 -28.54 12.00 19.82
C PRO B 289 -28.14 12.85 21.02
N ASP B 290 -27.30 12.34 21.90
CA ASP B 290 -26.91 13.07 23.11
C ASP B 290 -26.38 14.49 22.95
N ALA B 291 -25.97 14.85 21.73
CA ALA B 291 -25.44 16.19 21.47
C ALA B 291 -26.02 17.23 22.43
N PHE B 292 -27.35 17.40 22.40
CA PHE B 292 -28.01 18.36 23.28
C PHE B 292 -29.07 17.63 24.10
N GLY B 293 -28.76 16.40 24.50
CA GLY B 293 -29.70 15.61 25.27
C GLY B 293 -30.57 14.73 24.39
N THR B 294 -30.43 13.42 24.54
CA THR B 294 -31.21 12.47 23.76
C THR B 294 -32.71 12.74 23.84
N ALA B 295 -33.28 12.65 25.04
CA ALA B 295 -34.70 12.87 25.28
C ALA B 295 -35.26 14.00 24.42
N ALA B 296 -34.63 15.17 24.49
CA ALA B 296 -35.07 16.30 23.68
C ALA B 296 -35.08 15.85 22.23
N PHE B 297 -33.92 15.39 21.76
CA PHE B 297 -33.74 14.90 20.39
C PHE B 297 -34.92 14.01 19.96
N LEU B 298 -35.25 13.03 20.80
CA LEU B 298 -36.33 12.10 20.51
C LEU B 298 -37.73 12.69 20.57
N ARG B 299 -37.99 13.57 21.55
CA ARG B 299 -39.31 14.17 21.68
C ARG B 299 -39.77 14.73 20.35
N ASN B 300 -38.86 15.42 19.66
CA ASN B 300 -39.16 15.99 18.36
C ASN B 300 -38.61 14.99 17.35
N ALA B 301 -37.75 15.46 16.46
CA ALA B 301 -37.13 14.60 15.45
C ALA B 301 -38.12 14.03 14.45
N PRO B 302 -37.94 14.36 13.17
CA PRO B 302 -38.82 13.88 12.11
C PRO B 302 -38.95 12.36 12.08
N GLU B 303 -40.07 11.88 11.55
CA GLU B 303 -40.33 10.45 11.45
C GLU B 303 -39.16 9.69 10.86
N TRP B 304 -38.61 10.20 9.77
CA TRP B 304 -37.50 9.54 9.08
C TRP B 304 -36.25 9.18 9.89
N VAL B 305 -36.08 9.80 11.06
CA VAL B 305 -34.92 9.48 11.89
C VAL B 305 -35.02 8.01 12.30
N ALA B 306 -36.24 7.49 12.34
CA ALA B 306 -36.50 6.11 12.71
C ALA B 306 -36.17 5.11 11.59
N ASP B 307 -35.79 5.62 10.42
CA ASP B 307 -35.46 4.74 9.31
C ASP B 307 -33.97 4.42 9.31
N TRP B 308 -33.20 5.17 10.09
CA TRP B 308 -31.76 4.97 10.17
C TRP B 308 -31.42 3.60 10.75
N THR B 309 -30.21 3.14 10.46
CA THR B 309 -29.76 1.82 10.90
C THR B 309 -29.62 1.69 12.42
N GLY B 310 -29.17 2.76 13.08
CA GLY B 310 -29.01 2.66 14.52
C GLY B 310 -28.64 3.94 15.25
N PHE B 311 -28.53 3.82 16.57
CA PHE B 311 -28.19 4.93 17.45
C PHE B 311 -26.88 4.66 18.19
N ARG B 312 -26.27 5.72 18.72
CA ARG B 312 -25.04 5.60 19.48
C ARG B 312 -25.10 6.35 20.80
N PRO B 313 -25.80 5.80 21.81
CA PRO B 313 -25.92 6.47 23.11
C PRO B 313 -24.53 6.70 23.72
N ASP B 314 -24.07 7.94 23.69
CA ASP B 314 -22.72 8.27 24.18
C ASP B 314 -22.58 8.84 25.61
N SER B 315 -23.60 9.53 26.10
CA SER B 315 -23.54 10.13 27.43
C SER B 315 -24.31 9.45 28.57
N ALA B 316 -25.26 8.58 28.22
CA ALA B 316 -26.03 7.89 29.26
C ALA B 316 -25.46 6.49 29.48
N PRO B 317 -25.86 5.85 30.59
CA PRO B 317 -25.34 4.50 30.84
C PRO B 317 -25.86 3.55 29.75
N PRO B 318 -25.06 2.53 29.41
CA PRO B 318 -25.41 1.54 28.39
C PRO B 318 -26.87 1.09 28.41
N ILE B 319 -27.23 0.32 29.44
CA ILE B 319 -28.57 -0.21 29.59
C ILE B 319 -29.65 0.87 29.59
N GLU B 320 -29.50 1.86 30.44
CA GLU B 320 -30.45 2.94 30.54
C GLU B 320 -30.62 3.62 29.18
N GLY B 321 -29.51 4.04 28.60
CA GLY B 321 -29.56 4.70 27.31
C GLY B 321 -30.10 3.82 26.19
N GLY B 322 -29.81 2.53 26.27
CA GLY B 322 -30.28 1.60 25.27
C GLY B 322 -31.79 1.48 25.27
N GLU B 323 -32.35 1.13 26.42
CA GLU B 323 -33.79 0.98 26.55
C GLU B 323 -34.51 2.25 26.12
N LYS B 324 -33.95 3.39 26.51
CA LYS B 324 -34.53 4.68 26.16
C LYS B 324 -34.70 4.82 24.65
N ILE B 325 -33.66 4.46 23.90
CA ILE B 325 -33.72 4.55 22.45
C ILE B 325 -34.56 3.45 21.84
N ILE B 326 -34.60 2.29 22.50
CA ILE B 326 -35.38 1.16 22.01
C ILE B 326 -36.87 1.42 22.21
N GLU B 327 -37.22 2.04 23.33
CA GLU B 327 -38.62 2.33 23.63
C GLU B 327 -39.13 3.41 22.67
N TRP B 328 -38.23 3.99 21.89
CA TRP B 328 -38.62 4.99 20.91
C TRP B 328 -39.06 4.22 19.67
N TRP B 329 -38.17 3.38 19.14
CA TRP B 329 -38.49 2.59 17.97
C TRP B 329 -39.80 1.86 18.19
N ARG B 330 -39.95 1.30 19.38
CA ARG B 330 -41.16 0.58 19.74
C ARG B 330 -42.39 1.40 19.41
N LYS B 331 -42.50 2.57 20.03
CA LYS B 331 -43.64 3.44 19.79
C LYS B 331 -43.73 3.78 18.31
N MET B 332 -42.57 3.92 17.65
CA MET B 332 -42.53 4.25 16.23
C MET B 332 -42.78 3.00 15.38
N GLY B 333 -43.18 1.91 16.04
CA GLY B 333 -43.47 0.67 15.35
C GLY B 333 -42.34 0.05 14.57
N ARG B 334 -41.15 0.64 14.64
CA ARG B 334 -40.02 0.08 13.93
C ARG B 334 -39.47 -1.09 14.73
N ASP B 335 -39.21 -2.21 14.08
CA ASP B 335 -38.68 -3.38 14.76
C ASP B 335 -37.23 -3.16 15.18
N PRO B 336 -36.95 -3.19 16.50
CA PRO B 336 -35.61 -2.98 17.06
C PRO B 336 -34.61 -4.08 16.74
N ARG B 337 -35.10 -5.26 16.42
CA ARG B 337 -34.22 -6.37 16.10
C ARG B 337 -33.47 -6.17 14.78
N THR B 338 -33.88 -5.16 14.02
CA THR B 338 -33.24 -4.86 12.75
C THR B 338 -32.38 -3.61 12.88
N LYS B 339 -32.35 -3.02 14.07
CA LYS B 339 -31.56 -1.82 14.28
C LYS B 339 -30.28 -2.09 15.07
N MET B 340 -29.44 -1.08 15.19
CA MET B 340 -28.19 -1.24 15.91
C MET B 340 -27.88 -0.20 16.96
N LEU B 341 -27.25 -0.66 18.03
CA LEU B 341 -26.82 0.22 19.12
C LEU B 341 -25.32 0.04 19.15
N ILE B 342 -24.60 1.13 19.30
CA ILE B 342 -23.15 1.08 19.34
C ILE B 342 -22.64 1.73 20.63
N PHE B 343 -22.07 0.92 21.51
CA PHE B 343 -21.55 1.36 22.80
C PHE B 343 -20.04 1.52 22.75
N SER B 344 -19.58 2.75 22.51
CA SER B 344 -18.14 3.01 22.42
C SER B 344 -17.67 4.08 23.40
N ASP B 345 -18.39 4.27 24.49
CA ASP B 345 -18.01 5.30 25.45
C ASP B 345 -17.14 4.79 26.60
N GLY B 346 -15.93 4.36 26.25
CA GLY B 346 -14.98 3.87 27.24
C GLY B 346 -15.53 2.88 28.27
N LEU B 347 -15.86 1.68 27.83
CA LEU B 347 -16.38 0.66 28.74
C LEU B 347 -15.27 -0.33 29.09
N ASP B 348 -15.47 -1.09 30.16
CA ASP B 348 -14.49 -2.10 30.56
C ASP B 348 -15.09 -3.47 30.23
N VAL B 349 -14.35 -4.56 30.46
CA VAL B 349 -14.88 -5.87 30.12
C VAL B 349 -16.23 -6.17 30.78
N ASP B 350 -16.35 -5.90 32.09
CA ASP B 350 -17.59 -6.14 32.81
C ASP B 350 -18.74 -5.38 32.15
N ALA B 351 -18.50 -4.11 31.83
CA ALA B 351 -19.52 -3.28 31.20
C ALA B 351 -19.97 -3.89 29.87
N ILE B 352 -19.01 -4.42 29.12
CA ILE B 352 -19.29 -5.03 27.83
C ILE B 352 -20.13 -6.28 28.02
N VAL B 353 -19.69 -7.13 28.93
CA VAL B 353 -20.38 -8.39 29.23
C VAL B 353 -21.78 -8.15 29.78
N ASP B 354 -21.88 -7.25 30.75
CA ASP B 354 -23.16 -6.91 31.38
C ASP B 354 -24.14 -6.26 30.39
N THR B 355 -23.61 -5.45 29.48
CA THR B 355 -24.44 -4.78 28.50
C THR B 355 -24.88 -5.73 27.39
N TYR B 356 -24.01 -6.67 27.07
CA TYR B 356 -24.31 -7.65 26.03
C TYR B 356 -25.43 -8.58 26.47
N ARG B 357 -25.26 -9.21 27.63
CA ARG B 357 -26.27 -10.13 28.14
C ARG B 357 -27.61 -9.45 28.29
N HIS B 358 -27.59 -8.16 28.59
CA HIS B 358 -28.81 -7.41 28.79
C HIS B 358 -29.66 -7.25 27.52
N PHE B 359 -29.01 -6.93 26.40
CA PHE B 359 -29.72 -6.71 25.15
C PHE B 359 -29.67 -7.85 24.14
N GLU B 360 -28.96 -8.92 24.47
CA GLU B 360 -28.82 -10.03 23.56
C GLU B 360 -30.11 -10.34 22.78
N GLY B 361 -29.96 -10.70 21.51
CA GLY B 361 -31.09 -11.05 20.68
C GLY B 361 -32.22 -10.05 20.49
N ARG B 362 -32.20 -8.95 21.23
CA ARG B 362 -33.25 -7.95 21.12
C ARG B 362 -32.92 -6.90 20.08
N VAL B 363 -31.63 -6.71 19.84
CA VAL B 363 -31.14 -5.70 18.91
C VAL B 363 -29.73 -6.04 18.46
N ARG B 364 -29.25 -5.30 17.46
CA ARG B 364 -27.90 -5.47 16.93
C ARG B 364 -26.94 -4.60 17.72
N MET B 365 -25.90 -5.21 18.29
CA MET B 365 -24.92 -4.49 19.11
C MET B 365 -23.53 -4.42 18.51
N SER B 366 -22.80 -3.37 18.89
CA SER B 366 -21.45 -3.15 18.41
C SER B 366 -20.71 -2.38 19.49
N PHE B 367 -19.57 -2.92 19.95
CA PHE B 367 -18.81 -2.26 20.99
C PHE B 367 -17.52 -1.60 20.53
N GLY B 368 -17.35 -0.33 20.90
CA GLY B 368 -16.15 0.39 20.56
C GLY B 368 -15.26 0.37 21.78
N TRP B 369 -14.19 -0.43 21.73
CA TRP B 369 -13.27 -0.55 22.86
C TRP B 369 -12.12 0.45 22.80
N GLY B 370 -12.15 1.46 23.66
CA GLY B 370 -11.11 2.48 23.66
C GLY B 370 -9.98 2.39 24.66
N THR B 371 -9.88 3.41 25.52
CA THR B 371 -8.85 3.52 26.54
C THR B 371 -8.51 2.25 27.33
N ASN B 372 -9.53 1.60 27.90
CA ASN B 372 -9.31 0.40 28.70
C ASN B 372 -8.64 -0.71 27.89
N LEU B 373 -8.69 -0.58 26.57
CA LEU B 373 -8.08 -1.56 25.70
C LEU B 373 -6.64 -1.21 25.37
N THR B 374 -6.42 0.04 24.99
CA THR B 374 -5.11 0.49 24.57
C THR B 374 -4.26 1.31 25.58
N ASN B 375 -4.73 1.39 26.83
CA ASN B 375 -3.98 2.14 27.85
C ASN B 375 -4.32 1.66 29.26
N ASP B 376 -4.03 0.39 29.53
CA ASP B 376 -4.31 -0.20 30.82
C ASP B 376 -3.06 -0.90 31.39
N PHE B 377 -2.31 -0.17 32.21
CA PHE B 377 -1.10 -0.71 32.84
C PHE B 377 -1.25 -0.71 34.35
N ALA B 378 -2.45 -0.39 34.81
CA ALA B 378 -2.81 -0.33 36.23
C ALA B 378 -1.67 -0.68 37.19
N GLY B 379 -1.49 -1.99 37.43
CA GLY B 379 -0.43 -2.42 38.33
C GLY B 379 0.55 -3.33 37.62
N CYS B 380 1.10 -2.85 36.50
CA CYS B 380 2.03 -3.63 35.72
C CYS B 380 3.50 -3.26 35.96
N ALA B 381 3.72 -2.17 36.69
CA ALA B 381 5.08 -1.72 37.00
C ALA B 381 5.70 -2.59 38.09
N PRO B 382 6.97 -2.98 37.92
CA PRO B 382 7.66 -3.81 38.93
C PRO B 382 7.84 -3.09 40.25
N LEU B 388 2.75 7.61 37.28
CA LEU B 388 1.83 8.63 36.78
C LEU B 388 0.40 8.09 36.77
N LYS B 389 -0.57 8.99 37.01
CA LYS B 389 -1.98 8.63 37.05
C LYS B 389 -2.71 9.10 35.78
N PRO B 390 -3.42 8.18 35.09
CA PRO B 390 -4.15 8.55 33.86
C PRO B 390 -5.11 9.72 34.07
N ILE B 391 -5.24 10.57 33.05
CA ILE B 391 -6.13 11.73 33.12
C ILE B 391 -7.13 11.86 31.98
N SER B 392 -8.15 12.68 32.21
CA SER B 392 -9.23 12.91 31.25
C SER B 392 -9.03 14.17 30.41
N ILE B 393 -8.33 14.04 29.29
CA ILE B 393 -8.08 15.17 28.42
C ILE B 393 -8.85 15.07 27.09
N VAL B 394 -9.30 16.21 26.57
CA VAL B 394 -10.04 16.26 25.32
C VAL B 394 -9.55 17.41 24.45
N CYS B 395 -10.17 17.57 23.29
CA CYS B 395 -9.77 18.62 22.36
C CYS B 395 -10.92 18.94 21.41
N LYS B 396 -12.09 19.20 21.99
CA LYS B 396 -13.29 19.50 21.21
C LYS B 396 -13.33 20.87 20.56
N VAL B 397 -14.42 21.14 19.85
CA VAL B 397 -14.64 22.41 19.16
C VAL B 397 -14.89 23.51 20.18
N SER B 398 -14.19 24.62 20.01
CA SER B 398 -14.32 25.76 20.93
C SER B 398 -15.33 26.75 20.39
N ASP B 399 -15.03 27.29 19.21
CA ASP B 399 -15.89 28.27 18.56
C ASP B 399 -16.03 28.01 17.05
N ALA B 400 -17.11 28.52 16.47
CA ALA B 400 -17.38 28.36 15.04
C ALA B 400 -17.73 29.71 14.43
N ASN B 401 -16.87 30.20 13.53
CA ASN B 401 -17.05 31.49 12.88
C ASN B 401 -17.13 32.61 13.91
N GLY B 402 -17.36 32.24 15.17
CA GLY B 402 -17.48 33.22 16.24
C GLY B 402 -18.20 32.71 17.47
N ARG B 403 -19.49 32.41 17.33
CA ARG B 403 -20.27 31.91 18.45
C ARG B 403 -19.60 30.72 19.13
N PRO B 404 -19.71 30.63 20.46
CA PRO B 404 -19.10 29.54 21.23
C PRO B 404 -19.81 28.22 20.99
N ALA B 405 -19.03 27.14 20.94
CA ALA B 405 -19.56 25.79 20.73
C ALA B 405 -19.87 25.18 22.09
N VAL B 406 -20.96 24.42 22.17
CA VAL B 406 -21.38 23.81 23.43
C VAL B 406 -21.87 22.37 23.30
N LYS B 407 -21.71 21.60 24.37
CA LYS B 407 -22.17 20.22 24.38
C LYS B 407 -22.94 19.86 25.64
N LEU B 408 -24.26 20.05 25.61
CA LEU B 408 -25.10 19.70 26.74
C LEU B 408 -25.37 18.20 26.56
N SER B 409 -24.46 17.38 27.05
CA SER B 409 -24.58 15.94 26.93
C SER B 409 -25.79 15.40 27.67
N ASP B 410 -25.77 14.12 28.01
CA ASP B 410 -26.86 13.51 28.74
C ASP B 410 -26.47 13.39 30.22
N ASN B 411 -25.90 14.49 30.73
CA ASN B 411 -25.47 14.56 32.13
C ASN B 411 -24.88 15.95 32.36
N PRO B 412 -25.75 16.95 32.61
CA PRO B 412 -25.38 18.35 32.86
C PRO B 412 -24.09 18.60 33.66
N GLN B 413 -23.67 17.63 34.46
CA GLN B 413 -22.45 17.78 35.25
C GLN B 413 -21.18 17.56 34.42
N LYS B 414 -21.36 17.31 33.13
CA LYS B 414 -20.22 17.09 32.22
C LYS B 414 -20.43 17.82 30.90
N ALA B 415 -20.95 19.05 30.97
CA ALA B 415 -21.19 19.85 29.78
C ALA B 415 -19.88 20.32 29.16
N THR B 416 -19.96 21.20 28.17
CA THR B 416 -18.76 21.72 27.52
C THR B 416 -18.98 23.06 26.81
N GLY B 417 -18.09 24.00 27.07
CA GLY B 417 -18.19 25.32 26.46
C GLY B 417 -18.54 26.40 27.48
N ASP B 418 -18.77 27.61 26.99
CA ASP B 418 -19.13 28.73 27.86
C ASP B 418 -20.30 28.37 28.76
N PRO B 419 -20.07 28.39 30.09
CA PRO B 419 -21.11 28.06 31.08
C PRO B 419 -22.39 28.89 30.91
N ALA B 420 -22.26 30.07 30.33
CA ALA B 420 -23.42 30.93 30.11
C ALA B 420 -24.25 30.34 28.97
N GLU B 421 -23.62 30.20 27.81
CA GLU B 421 -24.30 29.64 26.64
C GLU B 421 -24.75 28.22 26.96
N VAL B 422 -24.07 27.59 27.91
CA VAL B 422 -24.41 26.24 28.33
C VAL B 422 -25.80 26.22 28.96
N GLU B 423 -26.12 27.29 29.69
CA GLU B 423 -27.42 27.39 30.34
C GLU B 423 -28.51 27.77 29.34
N ARG B 424 -28.14 28.54 28.31
CA ARG B 424 -29.10 28.94 27.30
C ARG B 424 -29.57 27.68 26.59
N TYR B 425 -28.61 26.91 26.08
CA TYR B 425 -28.92 25.67 25.40
C TYR B 425 -29.74 24.79 26.35
N LEU B 426 -29.31 24.74 27.60
CA LEU B 426 -30.01 23.95 28.61
C LEU B 426 -31.46 24.40 28.72
N LYS B 427 -31.66 25.71 28.76
CA LYS B 427 -32.99 26.27 28.87
C LYS B 427 -33.77 26.09 27.57
N PHE B 428 -33.08 26.19 26.44
CA PHE B 428 -33.72 26.05 25.15
C PHE B 428 -34.16 24.62 24.84
N PHE B 429 -33.37 23.63 25.27
CA PHE B 429 -33.72 22.24 25.02
C PHE B 429 -34.36 21.52 26.20
N GLY B 430 -34.14 22.03 27.41
CA GLY B 430 -34.72 21.40 28.59
C GLY B 430 -33.77 20.49 29.34
N GLU B 431 -34.32 19.48 30.01
CA GLU B 431 -33.53 18.53 30.80
C GLU B 431 -34.43 17.37 31.24
N GLU B 432 -33.88 16.17 31.29
CA GLU B 432 -34.65 14.98 31.67
C GLU B 432 -34.88 14.81 33.19
N ASP B 433 -33.93 14.16 33.86
CA ASP B 433 -34.02 13.91 35.30
C ASP B 433 -33.85 15.19 36.15
#